data_4M85
#
_entry.id   4M85
#
_cell.length_a   45.460
_cell.length_b   68.970
_cell.length_c   73.460
_cell.angle_alpha   67.23
_cell.angle_beta   91.69
_cell.angle_gamma   75.27
#
_symmetry.space_group_name_H-M   'P 1'
#
loop_
_entity.id
_entity.type
_entity.pdbx_description
1 polymer N-acetyltransferase
2 water water
#
_entity_poly.entity_id   1
_entity_poly.type   'polypeptide(L)'
_entity_poly.pdbx_seq_one_letter_code
;SNAMIRQARPEDRFDIAKLVYMVWDDMELELVKHLPKDMVLDAIEKSCVDATYRTFYQHILVYEVENKVAGCIISYSGEN
ELKYEKAWELLDLPEEIKQYGTPLPVKEAKDDEYYIETIATFAAYRGRGIATKLLTSLLESNTHVKWSLNCDINNEAALK
LYKKVGFISDGQIELYKHMYHHLIVK
;
_entity_poly.pdbx_strand_id   A,B,C,D
#
# COMPACT_ATOMS: atom_id res chain seq x y z
N SER A 1 13.01 -23.99 -35.74
CA SER A 1 12.23 -23.46 -34.59
C SER A 1 11.10 -22.56 -35.10
N ASN A 2 10.07 -22.40 -34.29
CA ASN A 2 8.95 -21.54 -34.65
C ASN A 2 9.30 -20.10 -34.36
N ALA A 3 8.73 -19.21 -35.15
CA ALA A 3 8.77 -17.78 -34.85
C ALA A 3 7.81 -17.55 -33.71
N MET A 4 8.10 -16.56 -32.87
CA MET A 4 7.20 -16.29 -31.78
C MET A 4 7.32 -14.90 -31.16
N ILE A 5 6.17 -14.36 -30.79
CA ILE A 5 6.07 -13.10 -30.07
C ILE A 5 5.87 -13.44 -28.60
N ARG A 6 6.76 -12.95 -27.76
CA ARG A 6 6.73 -13.25 -26.33
C ARG A 6 7.38 -12.15 -25.52
N GLN A 7 7.18 -12.21 -24.20
CA GLN A 7 7.85 -11.30 -23.29
C GLN A 7 9.34 -11.50 -23.39
N ALA A 8 10.08 -10.39 -23.34
CA ALA A 8 11.52 -10.43 -23.28
C ALA A 8 11.95 -11.17 -22.01
N ARG A 9 13.10 -11.82 -22.06
CA ARG A 9 13.72 -12.40 -20.88
C ARG A 9 15.08 -11.74 -20.70
N PRO A 10 15.67 -11.86 -19.50
CA PRO A 10 16.95 -11.20 -19.22
C PRO A 10 18.01 -11.46 -20.29
N GLU A 11 18.06 -12.71 -20.76
CA GLU A 11 19.05 -13.13 -21.77
C GLU A 11 18.84 -12.51 -23.15
N ASP A 12 17.69 -11.88 -23.37
CA ASP A 12 17.49 -11.14 -24.61
C ASP A 12 18.22 -9.80 -24.62
N ARG A 13 18.73 -9.38 -23.48
CA ARG A 13 19.20 -7.99 -23.33
C ARG A 13 20.34 -7.57 -24.27
N PHE A 14 21.14 -8.52 -24.71
CA PHE A 14 22.27 -8.16 -25.55
C PHE A 14 21.81 -7.74 -26.96
N ASP A 15 20.83 -8.45 -27.50
CA ASP A 15 20.24 -8.09 -28.80
C ASP A 15 19.37 -6.84 -28.69
N ILE A 16 18.58 -6.76 -27.63
CA ILE A 16 17.80 -5.57 -27.33
C ILE A 16 18.73 -4.32 -27.28
N ALA A 17 19.88 -4.44 -26.62
CA ALA A 17 20.82 -3.32 -26.52
C ALA A 17 21.28 -2.83 -27.90
N LYS A 18 21.53 -3.75 -28.82
CA LYS A 18 21.97 -3.34 -30.16
C LYS A 18 20.87 -2.56 -30.85
N LEU A 19 19.63 -3.03 -30.71
CA LEU A 19 18.47 -2.36 -31.30
C LEU A 19 18.30 -0.94 -30.75
N VAL A 20 18.32 -0.81 -29.41
CA VAL A 20 18.17 0.49 -28.75
C VAL A 20 19.35 1.38 -29.13
N TYR A 21 20.56 0.82 -29.11
CA TYR A 21 21.73 1.59 -29.51
C TYR A 21 21.54 2.21 -30.90
N MET A 22 21.04 1.43 -31.85
CA MET A 22 20.84 1.93 -33.22
C MET A 22 19.85 3.09 -33.24
N VAL A 23 18.78 2.97 -32.46
CA VAL A 23 17.81 4.04 -32.40
C VAL A 23 18.45 5.30 -31.80
N TRP A 24 19.19 5.15 -30.71
CA TRP A 24 19.80 6.30 -30.05
C TRP A 24 20.87 6.96 -30.93
N ASP A 25 21.51 6.16 -31.79
CA ASP A 25 22.52 6.66 -32.74
C ASP A 25 21.87 7.48 -33.85
N ASP A 26 20.74 7.00 -34.38
CA ASP A 26 19.91 7.78 -35.29
C ASP A 26 19.57 9.12 -34.67
N MET A 27 18.96 9.07 -33.48
CA MET A 27 18.65 10.28 -32.69
C MET A 27 19.83 11.20 -32.36
N GLU A 28 21.06 10.77 -32.63
CA GLU A 28 22.23 11.58 -32.31
C GLU A 28 22.24 12.03 -30.85
N LEU A 29 22.02 11.11 -29.92
CA LEU A 29 22.17 11.44 -28.51
C LEU A 29 23.62 11.72 -28.23
N GLU A 30 23.87 12.84 -27.54
CA GLU A 30 25.24 13.32 -27.30
C GLU A 30 26.09 12.21 -26.71
N LEU A 31 25.58 11.51 -25.69
CA LEU A 31 26.33 10.42 -25.04
C LEU A 31 26.71 9.29 -26.02
N VAL A 32 25.88 9.05 -27.02
CA VAL A 32 26.18 8.06 -28.05
C VAL A 32 27.24 8.65 -28.97
N LYS A 33 27.08 9.91 -29.36
CA LYS A 33 28.07 10.56 -30.22
C LYS A 33 29.47 10.61 -29.63
N HIS A 34 29.59 10.79 -28.32
CA HIS A 34 30.89 11.05 -27.70
C HIS A 34 31.42 9.95 -26.80
N LEU A 35 30.66 8.87 -26.61
CA LEU A 35 31.15 7.77 -25.77
C LEU A 35 31.35 6.49 -26.56
N PRO A 36 32.25 5.62 -26.07
CA PRO A 36 32.54 4.39 -26.82
C PRO A 36 31.32 3.49 -26.83
N LYS A 37 31.03 2.90 -27.99
CA LYS A 37 29.92 1.99 -28.20
C LYS A 37 29.90 0.84 -27.21
N ASP A 38 31.10 0.39 -26.87
CA ASP A 38 31.27 -0.72 -25.96
C ASP A 38 30.63 -0.39 -24.63
N MET A 39 30.86 0.85 -24.20
CA MET A 39 30.48 1.28 -22.89
C MET A 39 28.98 1.56 -22.86
N VAL A 40 28.47 2.17 -23.92
CA VAL A 40 27.04 2.47 -24.05
C VAL A 40 26.22 1.18 -24.13
N LEU A 41 26.69 0.19 -24.87
CA LEU A 41 26.00 -1.09 -24.98
C LEU A 41 25.93 -1.80 -23.63
N ASP A 42 27.07 -1.95 -22.97
CA ASP A 42 27.10 -2.47 -21.61
C ASP A 42 26.05 -1.76 -20.72
N ALA A 43 26.00 -0.44 -20.82
CA ALA A 43 25.04 0.31 -20.01
C ALA A 43 23.58 -0.03 -20.33
N ILE A 44 23.24 -0.09 -21.62
CA ILE A 44 21.85 -0.38 -22.03
C ILE A 44 21.50 -1.79 -21.61
N GLU A 45 22.43 -2.73 -21.78
CA GLU A 45 22.24 -4.09 -21.36
C GLU A 45 21.88 -4.15 -19.88
N LYS A 46 22.60 -3.40 -19.07
CA LYS A 46 22.32 -3.39 -17.63
C LYS A 46 20.97 -2.75 -17.36
N SER A 47 20.63 -1.72 -18.16
CA SER A 47 19.34 -1.01 -18.05
C SER A 47 18.15 -1.95 -18.20
N CYS A 48 18.35 -3.09 -18.87
CA CYS A 48 17.30 -4.06 -19.17
C CYS A 48 16.98 -4.98 -18.01
N VAL A 49 17.94 -5.20 -17.09
CA VAL A 49 17.78 -6.19 -16.00
C VAL A 49 18.06 -5.66 -14.59
N ASP A 50 18.93 -4.68 -14.42
CA ASP A 50 19.43 -4.33 -13.09
C ASP A 50 18.59 -3.31 -12.32
N ALA A 51 17.68 -2.65 -13.04
CA ALA A 51 16.79 -1.67 -12.45
C ALA A 51 15.67 -1.48 -13.47
N THR A 52 14.58 -0.85 -13.07
CA THR A 52 13.44 -0.66 -13.96
C THR A 52 13.54 0.64 -14.72
N TYR A 53 14.46 0.64 -15.67
CA TYR A 53 14.68 1.73 -16.60
C TYR A 53 13.57 1.62 -17.67
N ARG A 54 13.43 2.65 -18.49
CA ARG A 54 12.55 2.60 -19.68
C ARG A 54 12.62 1.26 -20.42
N THR A 55 13.85 0.83 -20.68
CA THR A 55 14.11 -0.42 -21.41
C THR A 55 14.13 -1.70 -20.55
N PHE A 56 13.52 -1.68 -19.35
CA PHE A 56 13.41 -2.92 -18.58
C PHE A 56 12.81 -4.02 -19.46
N TYR A 57 13.29 -5.25 -19.29
CA TYR A 57 12.78 -6.39 -20.07
C TYR A 57 11.31 -6.63 -19.82
N GLN A 58 10.80 -6.16 -18.67
CA GLN A 58 9.40 -6.26 -18.35
C GLN A 58 8.57 -5.30 -19.17
N HIS A 59 9.20 -4.38 -19.92
CA HIS A 59 8.46 -3.45 -20.74
C HIS A 59 8.54 -3.86 -22.21
N ILE A 60 9.11 -5.04 -22.50
CA ILE A 60 9.49 -5.39 -23.86
C ILE A 60 8.88 -6.70 -24.31
N LEU A 61 8.28 -6.67 -25.52
CA LEU A 61 7.97 -7.87 -26.28
C LEU A 61 8.97 -8.03 -27.42
N VAL A 62 9.41 -9.27 -27.67
CA VAL A 62 10.35 -9.54 -28.73
C VAL A 62 9.68 -10.44 -29.75
N TYR A 63 10.14 -10.29 -30.99
CA TYR A 63 9.86 -11.25 -32.08
C TYR A 63 11.09 -12.14 -32.28
N GLU A 64 10.93 -13.39 -31.88
CA GLU A 64 11.99 -14.38 -31.96
C GLU A 64 11.86 -15.18 -33.28
N VAL A 65 12.90 -15.13 -34.11
CA VAL A 65 13.02 -15.89 -35.34
C VAL A 65 14.25 -16.81 -35.27
N GLU A 66 14.03 -18.11 -35.50
CA GLU A 66 15.13 -19.06 -35.54
C GLU A 66 16.02 -18.92 -34.29
N ASN A 67 15.38 -18.88 -33.13
CA ASN A 67 16.04 -18.75 -31.83
C ASN A 67 16.79 -17.43 -31.59
N LYS A 68 16.57 -16.44 -32.44
CA LYS A 68 17.24 -15.13 -32.35
C LYS A 68 16.21 -14.00 -32.26
N VAL A 69 16.52 -12.96 -31.46
CA VAL A 69 15.68 -11.76 -31.39
C VAL A 69 15.79 -10.97 -32.69
N ALA A 70 14.70 -10.92 -33.44
CA ALA A 70 14.63 -10.23 -34.75
C ALA A 70 14.24 -8.77 -34.58
N GLY A 71 13.48 -8.50 -33.53
CA GLY A 71 12.96 -7.17 -33.29
C GLY A 71 12.34 -7.08 -31.92
N CYS A 72 12.00 -5.86 -31.52
CA CYS A 72 11.34 -5.63 -30.23
C CYS A 72 10.50 -4.39 -30.19
N ILE A 73 9.58 -4.37 -29.23
CA ILE A 73 8.71 -3.24 -28.99
C ILE A 73 8.72 -2.90 -27.48
N ILE A 74 8.86 -1.60 -27.15
CA ILE A 74 9.12 -1.18 -25.75
C ILE A 74 8.04 -0.19 -25.37
N SER A 75 7.32 -0.48 -24.28
CA SER A 75 6.20 0.32 -23.83
C SER A 75 6.02 0.25 -22.31
N TYR A 76 5.45 1.30 -21.74
CA TYR A 76 5.26 1.46 -20.28
C TYR A 76 4.35 2.67 -20.02
N SER A 77 3.82 2.81 -18.79
CA SER A 77 2.88 3.90 -18.53
C SER A 77 3.54 5.25 -18.65
N GLY A 78 2.85 6.18 -19.29
CA GLY A 78 3.31 7.56 -19.37
C GLY A 78 3.43 8.22 -18.00
N GLU A 79 2.60 7.81 -17.05
CA GLU A 79 2.62 8.47 -15.75
C GLU A 79 3.88 8.14 -14.96
N ASN A 80 4.48 6.98 -15.20
CA ASN A 80 5.73 6.63 -14.54
C ASN A 80 6.99 6.87 -15.40
N GLU A 81 6.86 7.59 -16.51
CA GLU A 81 7.96 7.74 -17.49
C GLU A 81 9.26 8.25 -16.86
N LEU A 82 9.16 9.39 -16.18
CA LEU A 82 10.34 10.02 -15.58
C LEU A 82 10.89 9.19 -14.40
N LYS A 83 10.05 8.39 -13.74
CA LYS A 83 10.54 7.49 -12.72
C LYS A 83 11.37 6.35 -13.31
N TYR A 84 10.91 5.81 -14.44
CA TYR A 84 11.71 4.83 -15.19
C TYR A 84 13.07 5.41 -15.63
N GLU A 85 13.04 6.61 -16.18
CA GLU A 85 14.25 7.30 -16.65
C GLU A 85 15.28 7.51 -15.53
N LYS A 86 14.81 7.91 -14.36
CA LYS A 86 15.70 8.15 -13.21
C LYS A 86 16.40 6.87 -12.78
N ALA A 87 15.79 5.72 -13.02
CA ALA A 87 16.39 4.45 -12.61
C ALA A 87 17.73 4.14 -13.28
N TRP A 88 18.03 4.84 -14.38
CA TRP A 88 19.35 4.80 -14.98
C TRP A 88 20.47 4.98 -13.95
N GLU A 89 20.20 5.81 -12.93
CA GLU A 89 21.16 6.10 -11.88
C GLU A 89 21.50 4.93 -10.96
N LEU A 90 20.69 3.87 -10.97
CA LEU A 90 20.94 2.68 -10.16
C LEU A 90 21.80 1.63 -10.87
N LEU A 91 22.27 1.93 -12.08
CA LEU A 91 23.08 0.97 -12.85
C LEU A 91 24.56 1.05 -12.44
N ASP A 92 25.29 -0.03 -12.63
CA ASP A 92 26.71 -0.10 -12.30
C ASP A 92 27.52 0.32 -13.53
N LEU A 93 27.85 1.61 -13.58
CA LEU A 93 28.37 2.27 -14.77
C LEU A 93 29.69 2.99 -14.49
N PRO A 94 30.58 3.01 -15.47
CA PRO A 94 31.79 3.81 -15.36
C PRO A 94 31.49 5.31 -15.28
N GLU A 95 32.40 6.01 -14.62
CA GLU A 95 32.20 7.42 -14.32
C GLU A 95 32.09 8.24 -15.61
N GLU A 96 32.73 7.75 -16.64
CA GLU A 96 32.77 8.45 -17.91
C GLU A 96 31.39 8.54 -18.57
N ILE A 97 30.56 7.52 -18.43
CA ILE A 97 29.19 7.63 -18.93
C ILE A 97 28.28 8.32 -17.90
N LYS A 98 28.54 8.09 -16.61
CA LYS A 98 27.71 8.71 -15.55
C LYS A 98 27.74 10.23 -15.62
N GLN A 99 28.84 10.79 -16.13
CA GLN A 99 28.94 12.26 -16.25
C GLN A 99 27.89 12.85 -17.20
N TYR A 100 27.38 12.05 -18.14
CA TYR A 100 26.38 12.55 -19.09
C TYR A 100 24.97 12.70 -18.50
N GLY A 101 24.74 12.18 -17.31
CA GLY A 101 23.39 12.14 -16.78
C GLY A 101 22.61 11.05 -17.51
N THR A 102 21.31 11.03 -17.29
CA THR A 102 20.49 9.97 -17.84
C THR A 102 20.27 10.27 -19.34
N PRO A 103 20.15 9.21 -20.15
CA PRO A 103 20.17 9.33 -21.62
C PRO A 103 18.95 10.01 -22.24
N LEU A 104 17.80 10.00 -21.56
CA LEU A 104 16.56 10.52 -22.14
C LEU A 104 15.72 11.30 -21.13
N PRO A 105 16.22 12.49 -20.67
CA PRO A 105 15.53 13.34 -19.66
C PRO A 105 14.17 13.90 -20.06
N VAL A 106 13.96 14.12 -21.36
CA VAL A 106 12.72 14.73 -21.83
C VAL A 106 11.54 13.76 -21.66
N LYS A 107 10.42 14.31 -21.20
CA LYS A 107 9.17 13.60 -21.05
C LYS A 107 8.55 13.49 -22.45
N GLU A 108 8.57 12.29 -23.02
CA GLU A 108 8.09 12.05 -24.39
C GLU A 108 6.58 11.80 -24.46
N ALA A 109 5.97 11.40 -23.33
CA ALA A 109 4.58 10.95 -23.31
C ALA A 109 3.71 11.74 -22.35
N LYS A 110 2.45 11.34 -22.22
CA LYS A 110 1.51 12.05 -21.37
C LYS A 110 0.99 11.09 -20.32
N ASP A 111 0.51 11.63 -19.21
CA ASP A 111 0.22 10.83 -18.04
C ASP A 111 -0.95 9.87 -18.21
N ASP A 112 -1.86 10.16 -19.14
CA ASP A 112 -2.99 9.24 -19.38
C ASP A 112 -2.74 8.23 -20.49
N GLU A 113 -1.47 8.00 -20.84
CA GLU A 113 -1.09 7.13 -21.96
C GLU A 113 -0.24 5.95 -21.56
N TYR A 114 -0.43 4.83 -22.24
CA TYR A 114 0.54 3.75 -22.24
C TYR A 114 1.44 3.96 -23.47
N TYR A 115 2.63 4.50 -23.21
CA TYR A 115 3.55 5.00 -24.24
C TYR A 115 4.38 3.90 -24.84
N ILE A 116 4.35 3.83 -26.17
CA ILE A 116 5.19 2.92 -26.91
C ILE A 116 6.38 3.76 -27.37
N GLU A 117 7.52 3.54 -26.71
CA GLU A 117 8.69 4.33 -26.93
C GLU A 117 9.45 3.92 -28.21
N THR A 118 9.54 2.62 -28.44
CA THR A 118 10.46 2.05 -29.44
C THR A 118 9.84 0.85 -30.16
N ILE A 119 9.93 0.85 -31.50
CA ILE A 119 9.63 -0.34 -32.31
C ILE A 119 10.79 -0.52 -33.24
N ALA A 120 11.56 -1.60 -33.08
CA ALA A 120 12.83 -1.73 -33.78
C ALA A 120 13.03 -3.12 -34.38
N THR A 121 13.61 -3.17 -35.58
CA THR A 121 13.85 -4.47 -36.25
C THR A 121 15.28 -4.48 -36.75
N PHE A 122 15.98 -5.61 -36.59
CA PHE A 122 17.28 -5.78 -37.23
C PHE A 122 17.15 -5.77 -38.77
N ALA A 123 18.11 -5.12 -39.42
CA ALA A 123 18.12 -4.99 -40.89
C ALA A 123 17.92 -6.32 -41.64
N ALA A 124 18.52 -7.39 -41.13
CA ALA A 124 18.46 -8.71 -41.76
C ALA A 124 17.05 -9.29 -41.75
N TYR A 125 16.17 -8.76 -40.90
CA TYR A 125 14.82 -9.32 -40.78
C TYR A 125 13.77 -8.35 -41.32
N ARG A 126 14.21 -7.27 -41.96
CA ARG A 126 13.28 -6.27 -42.48
C ARG A 126 12.48 -6.80 -43.66
N GLY A 127 11.29 -6.22 -43.82
CA GLY A 127 10.36 -6.60 -44.87
C GLY A 127 9.48 -7.79 -44.57
N ARG A 128 9.40 -8.18 -43.30
CA ARG A 128 8.62 -9.34 -42.89
C ARG A 128 7.42 -8.99 -42.02
N GLY A 129 7.08 -7.71 -41.92
CA GLY A 129 5.96 -7.27 -41.10
C GLY A 129 6.17 -7.40 -39.58
N ILE A 130 7.42 -7.50 -39.16
CA ILE A 130 7.73 -7.73 -37.75
C ILE A 130 7.26 -6.59 -36.86
N ALA A 131 7.47 -5.34 -37.27
CA ALA A 131 7.03 -4.17 -36.50
C ALA A 131 5.50 -4.08 -36.38
N THR A 132 4.82 -4.35 -37.50
CA THR A 132 3.39 -4.39 -37.55
C THR A 132 2.85 -5.47 -36.64
N LYS A 133 3.45 -6.65 -36.71
CA LYS A 133 3.03 -7.77 -35.89
C LYS A 133 3.25 -7.48 -34.39
N LEU A 134 4.37 -6.86 -34.06
CA LEU A 134 4.65 -6.56 -32.65
C LEU A 134 3.69 -5.52 -32.13
N LEU A 135 3.44 -4.52 -32.95
CA LEU A 135 2.53 -3.45 -32.58
C LEU A 135 1.09 -3.98 -32.39
N THR A 136 0.61 -4.73 -33.37
CA THR A 136 -0.75 -5.28 -33.34
C THR A 136 -0.94 -6.16 -32.08
N SER A 137 0.02 -7.01 -31.81
CA SER A 137 -0.08 -7.90 -30.68
C SER A 137 -0.01 -7.13 -29.34
N LEU A 138 0.80 -6.07 -29.28
CA LEU A 138 0.89 -5.24 -28.08
C LEU A 138 -0.43 -4.50 -27.83
N LEU A 139 -1.02 -3.94 -28.90
CA LEU A 139 -2.29 -3.20 -28.75
C LEU A 139 -3.40 -4.14 -28.27
N GLU A 140 -3.43 -5.36 -28.78
CA GLU A 140 -4.41 -6.35 -28.32
C GLU A 140 -4.23 -6.79 -26.84
N SER A 141 -3.04 -6.64 -26.27
CA SER A 141 -2.78 -7.04 -24.86
C SER A 141 -3.58 -6.25 -23.80
N ASN A 142 -4.08 -5.07 -24.16
CA ASN A 142 -4.88 -4.22 -23.27
C ASN A 142 -5.70 -3.22 -24.08
N THR A 143 -6.99 -3.51 -24.22
CA THR A 143 -7.91 -2.64 -24.95
C THR A 143 -8.65 -1.67 -24.01
N HIS A 144 -8.17 -1.57 -22.77
CA HIS A 144 -8.73 -0.66 -21.78
C HIS A 144 -7.87 0.55 -21.58
N VAL A 145 -6.82 0.72 -22.39
CA VAL A 145 -5.92 1.87 -22.24
C VAL A 145 -5.79 2.68 -23.52
N LYS A 146 -5.29 3.91 -23.36
CA LYS A 146 -4.91 4.75 -24.48
C LYS A 146 -3.43 4.57 -24.73
N TRP A 147 -3.09 4.01 -25.90
CA TRP A 147 -1.71 3.86 -26.31
C TRP A 147 -1.25 5.08 -27.07
N SER A 148 -0.01 5.45 -26.87
CA SER A 148 0.58 6.55 -27.64
C SER A 148 1.96 6.21 -28.21
N LEU A 149 2.35 6.97 -29.23
CA LEU A 149 3.70 6.88 -29.78
C LEU A 149 4.07 8.16 -30.49
N ASN A 150 5.36 8.29 -30.77
CA ASN A 150 5.91 9.44 -31.45
C ASN A 150 6.62 9.06 -32.73
N CYS A 151 6.09 9.53 -33.86
CA CYS A 151 6.57 9.12 -35.19
C CYS A 151 7.33 10.26 -35.84
N ASP A 152 8.59 10.01 -36.16
CA ASP A 152 9.39 10.96 -36.97
C ASP A 152 8.56 11.50 -38.15
N ILE A 153 8.44 12.82 -38.23
CA ILE A 153 7.65 13.46 -39.27
C ILE A 153 8.19 13.18 -40.68
N ASN A 154 9.43 12.73 -40.78
CA ASN A 154 10.01 12.44 -42.10
C ASN A 154 9.80 11.02 -42.53
N ASN A 155 9.18 10.22 -41.65
CA ASN A 155 8.97 8.82 -41.90
C ASN A 155 7.50 8.50 -42.22
N GLU A 156 7.14 8.72 -43.48
CA GLU A 156 5.74 8.53 -43.94
C GLU A 156 5.29 7.07 -43.91
N ALA A 157 6.21 6.16 -44.18
CA ALA A 157 5.84 4.75 -44.20
C ALA A 157 5.41 4.28 -42.80
N ALA A 158 6.12 4.73 -41.77
CA ALA A 158 5.69 4.47 -40.40
C ALA A 158 4.33 5.14 -40.15
N LEU A 159 4.20 6.41 -40.51
CA LEU A 159 2.95 7.11 -40.23
C LEU A 159 1.75 6.38 -40.87
N LYS A 160 1.90 5.89 -42.10
CA LYS A 160 0.83 5.16 -42.77
C LYS A 160 0.54 3.87 -42.02
N LEU A 161 1.59 3.12 -41.70
CA LEU A 161 1.45 1.92 -40.86
C LEU A 161 0.68 2.22 -39.57
N TYR A 162 1.03 3.31 -38.89
CA TYR A 162 0.35 3.64 -37.63
C TYR A 162 -1.12 4.02 -37.82
N LYS A 163 -1.39 4.87 -38.81
CA LYS A 163 -2.78 5.24 -39.13
C LYS A 163 -3.60 4.04 -39.58
N LYS A 164 -2.97 3.06 -40.22
CA LYS A 164 -3.68 1.87 -40.70
C LYS A 164 -4.17 1.01 -39.53
N VAL A 165 -3.39 0.88 -38.45
CA VAL A 165 -3.87 0.14 -37.27
C VAL A 165 -4.70 1.01 -36.34
N GLY A 166 -4.94 2.26 -36.71
CA GLY A 166 -5.96 3.07 -36.02
C GLY A 166 -5.50 4.25 -35.18
N PHE A 167 -4.21 4.58 -35.23
CA PHE A 167 -3.72 5.77 -34.50
C PHE A 167 -4.26 7.06 -35.13
N ILE A 168 -4.44 8.09 -34.32
CA ILE A 168 -4.85 9.39 -34.81
C ILE A 168 -3.91 10.47 -34.29
N SER A 169 -3.87 11.59 -35.00
CA SER A 169 -2.95 12.66 -34.70
C SER A 169 -3.37 13.34 -33.39
N ASP A 170 -2.37 13.64 -32.58
CA ASP A 170 -2.60 14.38 -31.35
C ASP A 170 -1.44 15.32 -31.12
N GLY A 171 -1.13 16.11 -32.14
CA GLY A 171 -0.14 17.18 -32.06
C GLY A 171 1.25 16.71 -32.45
N GLN A 172 2.19 17.66 -32.49
CA GLN A 172 3.58 17.42 -32.79
C GLN A 172 4.44 17.73 -31.55
N ILE A 173 5.57 17.04 -31.43
CA ILE A 173 6.49 17.24 -30.32
C ILE A 173 7.92 17.26 -30.83
N GLU A 174 8.71 18.17 -30.27
CA GLU A 174 10.14 18.24 -30.60
C GLU A 174 10.90 17.51 -29.53
N LEU A 175 11.81 16.65 -29.96
CA LEU A 175 12.62 15.84 -29.07
C LEU A 175 14.02 15.80 -29.64
N TYR A 176 14.98 16.31 -28.86
CA TYR A 176 16.39 16.34 -29.25
C TYR A 176 16.59 16.85 -30.68
N LYS A 177 16.00 18.01 -30.98
CA LYS A 177 16.17 18.70 -32.26
C LYS A 177 15.58 17.97 -33.46
N HIS A 178 14.67 17.02 -33.24
CA HIS A 178 13.89 16.44 -34.35
C HIS A 178 12.42 16.49 -33.99
N MET A 179 11.59 16.67 -35.01
CA MET A 179 10.15 16.78 -34.83
C MET A 179 9.44 15.42 -35.02
N TYR A 180 8.46 15.17 -34.18
CA TYR A 180 7.70 13.93 -34.20
C TYR A 180 6.19 14.17 -34.18
N HIS A 181 5.45 13.31 -34.85
CA HIS A 181 3.98 13.30 -34.73
C HIS A 181 3.62 12.52 -33.47
N HIS A 182 2.93 13.17 -32.53
CA HIS A 182 2.39 12.46 -31.37
C HIS A 182 1.07 11.82 -31.81
N LEU A 183 0.97 10.51 -31.67
CA LEU A 183 -0.17 9.72 -32.13
C LEU A 183 -0.78 8.93 -30.98
N ILE A 184 -2.10 8.77 -30.99
CA ILE A 184 -2.81 7.99 -29.99
C ILE A 184 -3.85 7.04 -30.57
N VAL A 185 -4.12 5.95 -29.85
CA VAL A 185 -5.21 5.04 -30.20
C VAL A 185 -5.97 4.60 -28.95
N ASN B 2 -6.91 -4.87 -3.49
CA ASN B 2 -6.96 -4.39 -2.08
C ASN B 2 -6.81 -2.87 -2.01
N ALA B 3 -7.87 -2.26 -1.53
CA ALA B 3 -8.01 -0.84 -1.43
C ALA B 3 -9.09 -0.62 -0.38
N MET B 4 -8.77 0.16 0.62
CA MET B 4 -9.50 0.15 1.86
C MET B 4 -9.34 1.48 2.59
N ILE B 5 -10.45 2.03 3.09
CA ILE B 5 -10.41 3.14 4.03
C ILE B 5 -10.57 2.59 5.46
N ARG B 6 -9.63 2.94 6.32
CA ARG B 6 -9.64 2.48 7.69
C ARG B 6 -9.09 3.58 8.60
N GLN B 7 -9.40 3.47 9.89
CA GLN B 7 -8.76 4.32 10.89
C GLN B 7 -7.23 4.13 10.82
N ALA B 8 -6.50 5.22 10.99
CA ALA B 8 -5.08 5.17 11.23
C ALA B 8 -4.81 4.54 12.59
N ARG B 9 -3.65 3.92 12.71
CA ARG B 9 -3.11 3.38 13.97
C ARG B 9 -1.73 4.01 14.17
N PRO B 10 -1.15 3.87 15.39
CA PRO B 10 0.13 4.52 15.70
C PRO B 10 1.24 4.24 14.70
N GLU B 11 1.31 2.99 14.28
CA GLU B 11 2.33 2.58 13.32
C GLU B 11 2.21 3.24 11.95
N ASP B 12 1.08 3.90 11.65
CA ASP B 12 0.96 4.66 10.40
C ASP B 12 1.73 5.99 10.45
N ARG B 13 2.22 6.36 11.63
CA ARG B 13 2.79 7.70 11.81
C ARG B 13 3.96 8.03 10.87
N PHE B 14 4.73 7.03 10.47
CA PHE B 14 5.87 7.26 9.58
C PHE B 14 5.39 7.72 8.19
N ASP B 15 4.43 7.02 7.63
CA ASP B 15 3.86 7.43 6.36
C ASP B 15 3.03 8.71 6.44
N ILE B 16 2.21 8.80 7.49
CA ILE B 16 1.46 10.00 7.74
C ILE B 16 2.40 11.20 7.82
N ALA B 17 3.55 11.06 8.49
CA ALA B 17 4.52 12.16 8.55
C ALA B 17 4.98 12.61 7.16
N LYS B 18 5.14 11.67 6.24
CA LYS B 18 5.62 12.02 4.89
C LYS B 18 4.58 12.84 4.15
N LEU B 19 3.34 12.41 4.29
CA LEU B 19 2.20 13.09 3.69
C LEU B 19 2.04 14.53 4.23
N VAL B 20 2.09 14.70 5.54
CA VAL B 20 1.97 16.02 6.17
C VAL B 20 3.09 16.96 5.74
N TYR B 21 4.31 16.45 5.72
CA TYR B 21 5.48 17.20 5.31
C TYR B 21 5.31 17.77 3.92
N MET B 22 4.84 16.94 2.99
CA MET B 22 4.56 17.39 1.63
C MET B 22 3.61 18.61 1.68
N VAL B 23 2.59 18.53 2.52
CA VAL B 23 1.66 19.65 2.67
C VAL B 23 2.36 20.87 3.25
N TRP B 24 3.20 20.70 4.28
CA TRP B 24 3.91 21.85 4.85
C TRP B 24 4.90 22.43 3.85
N ASP B 25 5.47 21.57 3.02
CA ASP B 25 6.39 22.02 1.99
C ASP B 25 5.66 22.95 1.02
N ASP B 26 4.45 22.57 0.60
CA ASP B 26 3.65 23.45 -0.25
C ASP B 26 3.22 24.75 0.46
N MET B 27 2.92 24.65 1.76
CA MET B 27 2.60 25.86 2.52
C MET B 27 3.80 26.80 2.70
N GLU B 28 5.00 26.27 2.47
CA GLU B 28 6.27 27.01 2.58
C GLU B 28 6.61 27.40 4.01
N LEU B 29 6.29 26.54 4.98
CA LEU B 29 6.57 26.87 6.39
C LEU B 29 8.07 27.07 6.64
N GLU B 30 8.38 28.02 7.50
CA GLU B 30 9.78 28.37 7.75
C GLU B 30 10.65 27.24 8.27
N LEU B 31 10.14 26.45 9.23
CA LEU B 31 10.94 25.33 9.72
C LEU B 31 11.22 24.29 8.61
N VAL B 32 10.31 24.20 7.64
CA VAL B 32 10.45 23.25 6.55
C VAL B 32 11.50 23.76 5.56
N LYS B 33 11.55 25.06 5.36
CA LYS B 33 12.52 25.64 4.45
C LYS B 33 13.93 25.53 5.01
N HIS B 34 14.09 25.60 6.33
CA HIS B 34 15.44 25.73 6.90
C HIS B 34 16.05 24.47 7.54
N LEU B 35 15.25 23.46 7.84
CA LEU B 35 15.73 22.29 8.56
C LEU B 35 15.86 21.01 7.71
N PRO B 36 16.70 20.08 8.16
CA PRO B 36 16.78 18.81 7.48
C PRO B 36 15.41 18.09 7.50
N LYS B 37 15.01 17.58 6.35
CA LYS B 37 13.73 16.92 6.20
C LYS B 37 13.47 15.85 7.25
N ASP B 38 14.47 14.99 7.49
CA ASP B 38 14.27 13.88 8.43
C ASP B 38 14.13 14.35 9.88
N MET B 39 14.74 15.48 10.23
CA MET B 39 14.51 16.09 11.56
C MET B 39 13.05 16.53 11.74
N VAL B 40 12.50 17.18 10.72
CA VAL B 40 11.11 17.60 10.72
C VAL B 40 10.17 16.37 10.75
N LEU B 41 10.49 15.31 10.01
CA LEU B 41 9.66 14.11 9.96
C LEU B 41 9.62 13.41 11.31
N ASP B 42 10.78 13.32 11.95
CA ASP B 42 10.85 12.84 13.30
C ASP B 42 9.90 13.59 14.23
N ALA B 43 9.94 14.92 14.16
CA ALA B 43 9.02 15.75 14.92
C ALA B 43 7.56 15.44 14.58
N ILE B 44 7.25 15.31 13.30
CA ILE B 44 5.87 15.02 12.91
C ILE B 44 5.39 13.66 13.42
N GLU B 45 6.24 12.65 13.30
CA GLU B 45 5.92 11.29 13.74
C GLU B 45 5.55 11.30 15.22
N LYS B 46 6.35 12.01 16.02
CA LYS B 46 6.10 12.13 17.45
C LYS B 46 4.77 12.85 17.69
N SER B 47 4.50 13.88 16.87
CA SER B 47 3.23 14.64 16.97
C SER B 47 1.99 13.76 16.76
N CYS B 48 2.12 12.67 16.01
CA CYS B 48 0.97 11.77 15.80
C CYS B 48 0.59 10.92 17.01
N VAL B 49 1.53 10.68 17.93
CA VAL B 49 1.30 9.72 19.02
C VAL B 49 1.59 10.26 20.43
N ASP B 50 2.59 11.13 20.59
CA ASP B 50 3.06 11.49 21.96
C ASP B 50 2.21 12.56 22.63
N ALA B 51 1.39 13.22 21.84
CA ALA B 51 0.48 14.20 22.38
C ALA B 51 -0.64 14.36 21.38
N THR B 52 -1.65 15.11 21.78
CA THR B 52 -2.80 15.29 20.91
C THR B 52 -2.61 16.57 20.11
N TYR B 53 -1.74 16.49 19.12
CA TYR B 53 -1.47 17.57 18.19
C TYR B 53 -2.53 17.49 17.06
N ARG B 54 -2.50 18.45 16.17
CA ARG B 54 -3.39 18.49 15.01
C ARG B 54 -3.38 17.14 14.29
N THR B 55 -2.19 16.56 14.23
CA THR B 55 -1.93 15.35 13.43
C THR B 55 -2.09 14.04 14.20
N PHE B 56 -2.73 14.08 15.35
CA PHE B 56 -2.95 12.87 16.14
C PHE B 56 -3.58 11.79 15.28
N TYR B 57 -3.00 10.58 15.29
CA TYR B 57 -3.54 9.43 14.56
C TYR B 57 -5.06 9.22 14.79
N GLN B 58 -5.57 9.70 15.93
CA GLN B 58 -7.01 9.65 16.22
C GLN B 58 -7.84 10.60 15.35
N HIS B 59 -7.19 11.59 14.75
CA HIS B 59 -7.87 12.50 13.86
C HIS B 59 -7.90 12.02 12.43
N ILE B 60 -7.43 10.79 12.16
CA ILE B 60 -6.98 10.41 10.82
C ILE B 60 -7.61 9.12 10.30
N LEU B 61 -8.12 9.21 9.08
CA LEU B 61 -8.47 8.06 8.28
C LEU B 61 -7.40 7.90 7.21
N VAL B 62 -6.97 6.67 6.96
CA VAL B 62 -6.03 6.43 5.88
C VAL B 62 -6.71 5.64 4.78
N TYR B 63 -6.19 5.85 3.57
CA TYR B 63 -6.52 5.04 2.41
C TYR B 63 -5.38 4.06 2.17
N GLU B 64 -5.69 2.78 2.27
CA GLU B 64 -4.69 1.76 2.19
C GLU B 64 -4.80 1.07 0.84
N VAL B 65 -3.68 1.04 0.12
CA VAL B 65 -3.60 0.29 -1.13
C VAL B 65 -2.57 -0.81 -0.93
N GLU B 66 -3.04 -2.05 -1.01
CA GLU B 66 -2.17 -3.24 -0.96
C GLU B 66 -1.30 -3.24 0.28
N ASN B 67 -1.93 -3.07 1.44
CA ASN B 67 -1.26 -3.05 2.76
C ASN B 67 -0.27 -1.92 3.00
N LYS B 68 -0.39 -0.85 2.20
CA LYS B 68 0.45 0.36 2.33
C LYS B 68 -0.43 1.61 2.41
N VAL B 69 0.00 2.57 3.22
CA VAL B 69 -0.67 3.85 3.27
C VAL B 69 -0.45 4.57 1.95
N ALA B 70 -1.56 4.97 1.32
CA ALA B 70 -1.52 5.66 0.03
C ALA B 70 -1.91 7.13 0.17
N GLY B 71 -2.77 7.42 1.14
CA GLY B 71 -3.19 8.79 1.46
C GLY B 71 -3.87 8.83 2.81
N CYS B 72 -4.16 10.04 3.26
CA CYS B 72 -4.88 10.21 4.52
C CYS B 72 -5.67 11.48 4.53
N ILE B 73 -6.63 11.55 5.45
CA ILE B 73 -7.38 12.78 5.69
C ILE B 73 -7.40 13.07 7.17
N ILE B 74 -7.19 14.34 7.52
CA ILE B 74 -6.98 14.75 8.90
C ILE B 74 -8.01 15.79 9.24
N SER B 75 -8.89 15.46 10.19
CA SER B 75 -9.95 16.36 10.57
C SER B 75 -10.18 16.38 12.06
N TYR B 76 -10.77 17.48 12.57
CA TYR B 76 -10.98 17.69 14.00
C TYR B 76 -11.82 18.96 14.21
N SER B 77 -12.36 19.14 15.41
CA SER B 77 -13.23 20.29 15.67
C SER B 77 -12.48 21.61 15.66
N GLY B 78 -13.02 22.59 14.95
CA GLY B 78 -12.38 23.90 14.88
C GLY B 78 -12.23 24.55 16.23
N GLU B 79 -13.18 24.29 17.12
CA GLU B 79 -13.15 24.95 18.42
C GLU B 79 -11.92 24.52 19.23
N ASN B 80 -11.39 23.33 18.97
CA ASN B 80 -10.16 22.86 19.64
C ASN B 80 -8.85 23.02 18.86
N GLU B 81 -8.89 23.64 17.68
CA GLU B 81 -7.69 23.74 16.82
C GLU B 81 -6.46 24.29 17.56
N LEU B 82 -6.62 25.44 18.20
CA LEU B 82 -5.52 26.08 18.90
C LEU B 82 -5.07 25.34 20.15
N LYS B 83 -5.89 24.46 20.70
CA LYS B 83 -5.45 23.57 21.77
C LYS B 83 -4.61 22.41 21.22
N TYR B 84 -5.05 21.85 20.12
CA TYR B 84 -4.25 20.84 19.43
C TYR B 84 -2.90 21.43 19.03
N GLU B 85 -2.89 22.63 18.45
CA GLU B 85 -1.63 23.25 18.01
C GLU B 85 -0.64 23.39 19.15
N LYS B 86 -1.16 23.87 20.28
CA LYS B 86 -0.33 24.08 21.48
C LYS B 86 0.40 22.84 21.96
N ALA B 87 -0.17 21.67 21.73
CA ALA B 87 0.42 20.40 22.16
C ALA B 87 1.75 20.06 21.51
N TRP B 88 2.08 20.73 20.39
CA TRP B 88 3.42 20.61 19.82
C TRP B 88 4.50 20.86 20.90
N GLU B 89 4.21 21.75 21.86
CA GLU B 89 5.12 22.01 22.98
C GLU B 89 5.48 20.81 23.87
N LEU B 90 4.72 19.71 23.81
CA LEU B 90 4.87 18.58 24.73
C LEU B 90 5.71 17.47 24.17
N LEU B 91 6.20 17.66 22.96
CA LEU B 91 6.94 16.64 22.26
C LEU B 91 8.42 16.71 22.60
N ASP B 92 9.09 15.57 22.45
CA ASP B 92 10.51 15.48 22.73
C ASP B 92 11.30 15.78 21.48
N LEU B 93 11.67 17.05 21.32
CA LEU B 93 12.27 17.53 20.10
C LEU B 93 13.62 18.15 20.36
N PRO B 94 14.51 18.07 19.35
CA PRO B 94 15.80 18.73 19.43
C PRO B 94 15.63 20.23 19.39
N GLU B 95 16.55 20.94 20.05
CA GLU B 95 16.53 22.40 20.14
C GLU B 95 16.51 23.08 18.76
N GLU B 96 17.15 22.48 17.77
CA GLU B 96 17.22 23.08 16.44
C GLU B 96 15.81 23.25 15.85
N ILE B 97 14.92 22.30 16.11
CA ILE B 97 13.53 22.49 15.70
C ILE B 97 12.69 23.31 16.71
N LYS B 98 12.91 23.14 18.01
CA LYS B 98 12.10 23.88 19.02
C LYS B 98 12.22 25.38 18.97
N GLN B 99 13.35 25.87 18.47
CA GLN B 99 13.55 27.31 18.38
C GLN B 99 12.59 27.95 17.41
N TYR B 100 12.03 27.17 16.48
CA TYR B 100 11.03 27.72 15.56
C TYR B 100 9.63 27.90 16.17
N GLY B 101 9.42 27.42 17.39
CA GLY B 101 8.09 27.42 17.99
C GLY B 101 7.20 26.41 17.28
N THR B 102 5.89 26.56 17.43
CA THR B 102 5.01 25.56 16.88
C THR B 102 4.81 25.85 15.37
N PRO B 103 4.62 24.79 14.58
CA PRO B 103 4.66 25.02 13.13
C PRO B 103 3.44 25.73 12.55
N LEU B 104 2.27 25.65 13.19
CA LEU B 104 1.04 26.20 12.61
C LEU B 104 0.23 27.10 13.59
N PRO B 105 0.84 28.23 14.04
CA PRO B 105 0.25 29.06 15.09
C PRO B 105 -1.05 29.78 14.70
N VAL B 106 -1.27 30.01 13.42
CA VAL B 106 -2.43 30.78 12.95
C VAL B 106 -3.67 29.91 12.95
N LYS B 107 -4.78 30.49 13.42
CA LYS B 107 -6.08 29.81 13.43
C LYS B 107 -6.60 29.70 12.01
N GLU B 108 -6.76 28.48 11.53
CA GLU B 108 -7.12 28.24 10.13
C GLU B 108 -8.60 28.07 9.92
N ALA B 109 -9.32 27.74 11.00
CA ALA B 109 -10.73 27.37 10.93
C ALA B 109 -11.58 28.27 11.81
N LYS B 110 -12.88 27.98 11.88
CA LYS B 110 -13.76 28.71 12.75
C LYS B 110 -14.34 27.77 13.83
N ASP B 111 -14.73 28.33 14.97
CA ASP B 111 -15.14 27.55 16.16
C ASP B 111 -16.37 26.73 15.91
N ASP B 112 -17.17 27.09 14.91
CA ASP B 112 -18.39 26.34 14.60
C ASP B 112 -18.21 25.29 13.51
N GLU B 113 -16.96 25.01 13.16
CA GLU B 113 -16.68 24.09 12.08
C GLU B 113 -16.06 22.81 12.60
N TYR B 114 -16.30 21.71 11.88
CA TYR B 114 -15.42 20.51 11.95
C TYR B 114 -14.44 20.65 10.79
N TYR B 115 -13.16 20.84 11.13
CA TYR B 115 -12.15 21.29 10.20
C TYR B 115 -11.38 20.11 9.59
N ILE B 116 -11.29 20.12 8.27
CA ILE B 116 -10.50 19.18 7.54
C ILE B 116 -9.21 19.92 7.14
N GLU B 117 -8.15 19.66 7.87
CA GLU B 117 -6.92 20.38 7.69
C GLU B 117 -6.14 19.85 6.47
N THR B 118 -6.18 18.55 6.27
CA THR B 118 -5.26 17.87 5.38
C THR B 118 -5.95 16.76 4.65
N ILE B 119 -5.78 16.76 3.31
CA ILE B 119 -6.11 15.63 2.43
C ILE B 119 -4.89 15.43 1.53
N ALA B 120 -4.24 14.29 1.64
CA ALA B 120 -2.95 14.09 1.02
C ALA B 120 -2.88 12.72 0.39
N THR B 121 -2.22 12.65 -0.76
CA THR B 121 -1.97 11.39 -1.45
C THR B 121 -0.52 11.28 -1.93
N PHE B 122 0.10 10.14 -1.71
CA PHE B 122 1.42 9.88 -2.28
C PHE B 122 1.33 9.90 -3.82
N ALA B 123 2.35 10.45 -4.47
CA ALA B 123 2.36 10.59 -5.95
C ALA B 123 2.08 9.28 -6.68
N ALA B 124 2.67 8.18 -6.19
CA ALA B 124 2.47 6.84 -6.75
C ALA B 124 1.00 6.38 -6.80
N TYR B 125 0.11 7.08 -6.08
CA TYR B 125 -1.28 6.65 -5.99
C TYR B 125 -2.24 7.72 -6.44
N ARG B 126 -1.74 8.72 -7.18
CA ARG B 126 -2.59 9.76 -7.74
C ARG B 126 -3.44 9.21 -8.89
N GLY B 127 -4.47 9.96 -9.24
CA GLY B 127 -5.38 9.60 -10.32
C GLY B 127 -6.28 8.39 -10.01
N ARG B 128 -6.49 8.10 -8.72
CA ARG B 128 -7.37 7.01 -8.31
C ARG B 128 -8.62 7.47 -7.58
N GLY B 129 -8.77 8.76 -7.37
CA GLY B 129 -9.90 9.30 -6.60
C GLY B 129 -9.80 9.06 -5.09
N ILE B 130 -8.58 8.96 -4.58
CA ILE B 130 -8.37 8.65 -3.16
C ILE B 130 -8.81 9.83 -2.28
N ALA B 131 -8.38 11.04 -2.64
CA ALA B 131 -8.80 12.26 -1.96
C ALA B 131 -10.32 12.44 -1.94
N THR B 132 -10.96 12.14 -3.08
CA THR B 132 -12.41 12.26 -3.20
C THR B 132 -13.13 11.26 -2.30
N LYS B 133 -12.69 10.01 -2.31
CA LYS B 133 -13.29 8.99 -1.48
C LYS B 133 -13.10 9.28 0.02
N LEU B 134 -11.93 9.74 0.42
CA LEU B 134 -11.67 10.05 1.82
C LEU B 134 -12.57 11.22 2.25
N LEU B 135 -12.58 12.26 1.43
CA LEU B 135 -13.39 13.46 1.70
C LEU B 135 -14.88 13.17 1.81
N THR B 136 -15.46 12.56 0.79
CA THR B 136 -16.90 12.27 0.78
C THR B 136 -17.30 11.25 1.84
N SER B 137 -16.44 10.30 2.15
CA SER B 137 -16.74 9.33 3.22
C SER B 137 -16.91 10.07 4.56
N LEU B 138 -16.10 11.12 4.76
CA LEU B 138 -16.28 12.02 5.91
C LEU B 138 -17.58 12.79 5.82
N LEU B 139 -17.81 13.45 4.70
CA LEU B 139 -18.97 14.35 4.58
C LEU B 139 -20.28 13.60 4.81
N GLU B 140 -20.33 12.38 4.32
CA GLU B 140 -21.52 11.55 4.46
C GLU B 140 -21.64 10.79 5.80
N SER B 141 -20.52 10.49 6.44
CA SER B 141 -20.54 10.02 7.80
C SER B 141 -21.49 10.84 8.66
N ASN B 142 -21.37 12.15 8.52
CA ASN B 142 -21.89 13.05 9.53
C ASN B 142 -22.45 14.30 8.89
N THR B 143 -23.75 14.47 9.05
CA THR B 143 -24.47 15.54 8.43
C THR B 143 -25.07 16.49 9.47
N HIS B 144 -24.66 16.39 10.73
CA HIS B 144 -25.13 17.28 11.79
C HIS B 144 -24.15 18.42 12.15
N VAL B 145 -22.97 18.39 11.53
CA VAL B 145 -21.88 19.36 11.73
C VAL B 145 -21.58 20.09 10.42
N LYS B 146 -21.01 21.28 10.55
CA LYS B 146 -20.61 22.08 9.42
C LYS B 146 -19.14 21.76 9.16
N TRP B 147 -18.86 21.16 8.00
CA TRP B 147 -17.48 20.78 7.65
C TRP B 147 -16.82 22.00 7.02
N SER B 148 -15.51 22.14 7.21
CA SER B 148 -14.78 23.24 6.55
C SER B 148 -13.41 22.79 6.08
N LEU B 149 -12.86 23.53 5.11
CA LEU B 149 -11.50 23.29 4.64
C LEU B 149 -10.99 24.52 3.90
N ASN B 150 -9.69 24.56 3.65
CA ASN B 150 -9.05 25.72 3.03
C ASN B 150 -8.37 25.26 1.78
N CYS B 151 -8.60 25.97 0.68
CA CYS B 151 -8.08 25.61 -0.61
C CYS B 151 -7.25 26.75 -1.19
N ASP B 152 -5.95 26.51 -1.38
CA ASP B 152 -5.06 27.48 -2.04
C ASP B 152 -5.65 28.01 -3.34
N ILE B 153 -5.66 29.33 -3.45
CA ILE B 153 -6.33 29.98 -4.58
C ILE B 153 -5.72 29.61 -5.93
N ASN B 154 -4.52 29.04 -5.92
CA ASN B 154 -3.83 28.66 -7.16
C ASN B 154 -3.94 27.18 -7.49
N ASN B 155 -4.93 26.50 -6.91
CA ASN B 155 -5.23 25.12 -7.21
C ASN B 155 -6.69 24.94 -7.61
N GLU B 156 -7.00 25.32 -8.84
CA GLU B 156 -8.39 25.31 -9.34
C GLU B 156 -8.95 23.89 -9.45
N ALA B 157 -8.06 22.91 -9.61
CA ALA B 157 -8.47 21.52 -9.67
C ALA B 157 -9.01 21.07 -8.31
N ALA B 158 -8.32 21.40 -7.22
CA ALA B 158 -8.83 21.12 -5.88
C ALA B 158 -10.17 21.80 -5.70
N LEU B 159 -10.23 23.09 -6.02
CA LEU B 159 -11.44 23.87 -5.84
C LEU B 159 -12.64 23.27 -6.57
N LYS B 160 -12.41 22.81 -7.79
CA LYS B 160 -13.49 22.22 -8.59
C LYS B 160 -13.96 20.89 -7.97
N LEU B 161 -13.02 20.05 -7.55
CA LEU B 161 -13.40 18.84 -6.78
C LEU B 161 -14.25 19.19 -5.57
N TYR B 162 -13.81 20.18 -4.78
CA TYR B 162 -14.51 20.55 -3.56
C TYR B 162 -15.91 21.10 -3.85
N LYS B 163 -16.04 21.98 -4.84
CA LYS B 163 -17.35 22.43 -5.30
C LYS B 163 -18.22 21.27 -5.83
N LYS B 164 -17.60 20.32 -6.53
CA LYS B 164 -18.31 19.15 -7.03
C LYS B 164 -18.96 18.31 -5.92
N VAL B 165 -18.33 18.22 -4.74
CA VAL B 165 -18.90 17.42 -3.65
C VAL B 165 -19.74 18.26 -2.69
N GLY B 166 -19.87 19.56 -2.97
CA GLY B 166 -20.86 20.40 -2.28
C GLY B 166 -20.37 21.40 -1.28
N PHE B 167 -19.10 21.75 -1.35
CA PHE B 167 -18.57 22.86 -0.59
C PHE B 167 -19.01 24.16 -1.26
N ILE B 168 -19.33 25.16 -0.45
CA ILE B 168 -19.58 26.51 -0.94
C ILE B 168 -18.57 27.50 -0.35
N SER B 169 -18.40 28.63 -1.04
CA SER B 169 -17.41 29.62 -0.67
C SER B 169 -17.81 30.37 0.61
N ASP B 170 -16.89 30.47 1.56
CA ASP B 170 -17.10 31.28 2.76
C ASP B 170 -15.90 32.23 3.03
N GLY B 171 -15.50 32.97 2.00
CA GLY B 171 -14.45 33.99 2.14
C GLY B 171 -13.05 33.44 1.98
N GLN B 172 -12.05 34.24 2.37
CA GLN B 172 -10.66 33.88 2.18
C GLN B 172 -9.81 34.20 3.41
N ILE B 173 -8.71 33.48 3.53
CA ILE B 173 -7.81 33.60 4.66
C ILE B 173 -6.38 33.55 4.16
N GLU B 174 -5.53 34.40 4.70
CA GLU B 174 -4.13 34.37 4.35
C GLU B 174 -3.36 33.59 5.41
N LEU B 175 -2.63 32.57 4.96
CA LEU B 175 -1.79 31.76 5.84
C LEU B 175 -0.38 31.73 5.31
N TYR B 176 0.55 32.30 6.06
CA TYR B 176 1.98 32.18 5.75
C TYR B 176 2.28 32.60 4.30
N LYS B 177 1.76 33.78 3.94
CA LYS B 177 2.00 34.45 2.66
C LYS B 177 1.31 33.79 1.47
N HIS B 178 0.42 32.83 1.73
CA HIS B 178 -0.43 32.24 0.71
C HIS B 178 -1.88 32.55 1.02
N MET B 179 -2.67 32.71 -0.02
CA MET B 179 -4.08 32.98 0.12
C MET B 179 -4.86 31.67 -0.13
N TYR B 180 -5.92 31.48 0.64
CA TYR B 180 -6.74 30.28 0.55
C TYR B 180 -8.21 30.68 0.54
N HIS B 181 -8.99 30.00 -0.30
CA HIS B 181 -10.45 30.03 -0.23
C HIS B 181 -10.84 29.22 0.99
N HIS B 182 -11.60 29.82 1.90
CA HIS B 182 -12.23 29.08 3.00
C HIS B 182 -13.59 28.57 2.54
N LEU B 183 -13.79 27.25 2.65
CA LEU B 183 -14.95 26.56 2.06
C LEU B 183 -15.67 25.79 3.16
N ILE B 184 -17.00 25.75 3.07
CA ILE B 184 -17.87 25.05 4.04
C ILE B 184 -18.97 24.19 3.38
N VAL B 185 -19.41 23.15 4.08
CA VAL B 185 -20.65 22.43 3.76
C VAL B 185 -21.59 22.61 4.94
N ALA C 3 -15.33 8.78 25.17
CA ALA C 3 -16.00 8.18 23.96
C ALA C 3 -15.08 7.19 23.24
N MET C 4 -15.34 5.90 23.38
CA MET C 4 -14.43 4.89 22.83
C MET C 4 -15.12 3.76 22.04
N ILE C 5 -14.35 3.17 21.12
CA ILE C 5 -14.75 1.91 20.50
C ILE C 5 -14.05 0.82 21.26
N ARG C 6 -14.79 -0.23 21.64
CA ARG C 6 -14.24 -1.29 22.46
C ARG C 6 -14.98 -2.61 22.24
N GLN C 7 -14.31 -3.71 22.52
CA GLN C 7 -14.97 -5.02 22.58
C GLN C 7 -16.22 -4.93 23.46
N ALA C 8 -17.32 -5.50 22.99
CA ALA C 8 -18.51 -5.67 23.81
C ALA C 8 -18.22 -6.47 25.07
N ARG C 9 -19.05 -6.30 26.08
CA ARG C 9 -19.00 -7.13 27.26
C ARG C 9 -20.38 -7.72 27.54
N PRO C 10 -20.47 -8.67 28.46
CA PRO C 10 -21.78 -9.25 28.78
C PRO C 10 -22.84 -8.21 29.23
N GLU C 11 -22.41 -7.21 29.99
CA GLU C 11 -23.31 -6.14 30.46
C GLU C 11 -23.91 -5.28 29.34
N ASP C 12 -23.24 -5.22 28.19
CA ASP C 12 -23.79 -4.57 27.00
C ASP C 12 -24.96 -5.30 26.36
N ARG C 13 -25.31 -6.51 26.79
CA ARG C 13 -26.32 -7.29 26.07
C ARG C 13 -27.71 -6.63 25.96
N PHE C 14 -28.07 -5.81 26.94
CA PHE C 14 -29.38 -5.17 26.95
C PHE C 14 -29.51 -4.16 25.81
N ASP C 15 -28.51 -3.29 25.69
CA ASP C 15 -28.48 -2.32 24.61
C ASP C 15 -28.29 -3.01 23.25
N ILE C 16 -27.41 -3.99 23.20
CA ILE C 16 -27.19 -4.76 21.99
C ILE C 16 -28.48 -5.43 21.50
N ALA C 17 -29.25 -6.01 22.44
CA ALA C 17 -30.51 -6.66 22.11
C ALA C 17 -31.50 -5.66 21.49
N LYS C 18 -31.56 -4.45 22.04
CA LYS C 18 -32.40 -3.38 21.46
C LYS C 18 -31.96 -3.03 20.04
N LEU C 19 -30.65 -2.97 19.80
CA LEU C 19 -30.15 -2.63 18.47
C LEU C 19 -30.46 -3.73 17.47
N VAL C 20 -30.32 -4.98 17.90
CA VAL C 20 -30.56 -6.12 17.00
C VAL C 20 -32.07 -6.22 16.68
N TYR C 21 -32.88 -5.99 17.70
CA TYR C 21 -34.33 -6.01 17.54
C TYR C 21 -34.75 -4.99 16.49
N MET C 22 -34.11 -3.83 16.47
CA MET C 22 -34.47 -2.80 15.50
C MET C 22 -34.19 -3.27 14.09
N VAL C 23 -33.02 -3.88 13.88
CA VAL C 23 -32.68 -4.43 12.56
C VAL C 23 -33.71 -5.49 12.19
N TRP C 24 -34.02 -6.38 13.12
CA TRP C 24 -34.97 -7.46 12.83
C TRP C 24 -36.38 -6.93 12.58
N ASP C 25 -36.76 -5.89 13.31
CA ASP C 25 -38.08 -5.25 13.16
C ASP C 25 -38.20 -4.75 11.73
N ASP C 26 -37.19 -4.02 11.26
CA ASP C 26 -37.16 -3.47 9.91
C ASP C 26 -37.21 -4.57 8.88
N MET C 27 -36.51 -5.67 9.14
CA MET C 27 -36.52 -6.80 8.25
C MET C 27 -37.84 -7.59 8.28
N GLU C 28 -38.70 -7.29 9.26
CA GLU C 28 -40.00 -7.96 9.42
C GLU C 28 -39.89 -9.50 9.50
N LEU C 29 -38.95 -10.00 10.30
CA LEU C 29 -38.85 -11.42 10.56
C LEU C 29 -40.15 -11.89 11.21
N GLU C 30 -40.58 -13.10 10.90
CA GLU C 30 -41.90 -13.55 11.36
C GLU C 30 -42.02 -13.52 12.87
N LEU C 31 -40.96 -13.86 13.60
CA LEU C 31 -41.05 -13.93 15.05
C LEU C 31 -41.23 -12.55 15.70
N VAL C 32 -40.63 -11.55 15.06
CA VAL C 32 -40.79 -10.16 15.48
C VAL C 32 -42.20 -9.63 15.13
N LYS C 33 -42.72 -10.01 13.98
CA LYS C 33 -44.07 -9.63 13.55
C LYS C 33 -45.11 -10.02 14.58
N HIS C 34 -45.00 -11.21 15.16
CA HIS C 34 -46.12 -11.84 15.88
C HIS C 34 -45.96 -12.02 17.40
N LEU C 35 -44.76 -11.77 17.93
CA LEU C 35 -44.48 -12.01 19.35
C LEU C 35 -44.24 -10.71 20.09
N PRO C 36 -44.63 -10.66 21.38
CA PRO C 36 -44.36 -9.47 22.18
C PRO C 36 -42.87 -9.08 22.18
N LYS C 37 -42.60 -7.79 22.12
CA LYS C 37 -41.22 -7.28 21.97
C LYS C 37 -40.29 -7.77 23.08
N ASP C 38 -40.80 -7.81 24.31
CA ASP C 38 -39.98 -8.18 25.47
C ASP C 38 -39.61 -9.64 25.52
N MET C 39 -40.39 -10.47 24.83
CA MET C 39 -40.06 -11.89 24.69
C MET C 39 -38.90 -12.06 23.71
N VAL C 40 -38.96 -11.33 22.60
CA VAL C 40 -37.89 -11.35 21.61
C VAL C 40 -36.63 -10.72 22.19
N LEU C 41 -36.78 -9.60 22.89
CA LEU C 41 -35.62 -8.97 23.52
C LEU C 41 -34.96 -9.91 24.54
N ASP C 42 -35.76 -10.58 25.36
CA ASP C 42 -35.22 -11.57 26.30
C ASP C 42 -34.40 -12.63 25.56
N ALA C 43 -34.94 -13.11 24.46
CA ALA C 43 -34.27 -14.11 23.66
C ALA C 43 -32.96 -13.58 23.10
N ILE C 44 -32.95 -12.34 22.61
CA ILE C 44 -31.72 -11.82 22.04
C ILE C 44 -30.65 -11.66 23.14
N GLU C 45 -31.07 -11.17 24.31
CA GLU C 45 -30.14 -10.99 25.42
C GLU C 45 -29.45 -12.30 25.77
N LYS C 46 -30.26 -13.36 25.93
CA LYS C 46 -29.73 -14.69 26.14
C LYS C 46 -28.77 -15.11 25.04
N SER C 47 -29.17 -14.85 23.79
CA SER C 47 -28.34 -15.22 22.64
C SER C 47 -26.97 -14.54 22.68
N CYS C 48 -26.90 -13.39 23.33
CA CYS C 48 -25.68 -12.66 23.47
C CYS C 48 -24.67 -13.31 24.44
N VAL C 49 -25.15 -14.05 25.45
CA VAL C 49 -24.28 -14.57 26.51
C VAL C 49 -24.34 -16.07 26.82
N ASP C 50 -25.49 -16.70 26.60
CA ASP C 50 -25.69 -18.08 27.03
C ASP C 50 -25.11 -19.10 26.06
N ALA C 51 -24.82 -18.66 24.85
CA ALA C 51 -24.25 -19.55 23.84
C ALA C 51 -23.69 -18.70 22.71
N THR C 52 -22.88 -19.32 21.86
CA THR C 52 -22.17 -18.58 20.83
C THR C 52 -23.03 -18.43 19.57
N TYR C 53 -24.09 -17.66 19.71
CA TYR C 53 -24.97 -17.31 18.59
C TYR C 53 -24.29 -16.22 17.79
N ARG C 54 -24.77 -15.98 16.58
CA ARG C 54 -24.29 -14.88 15.74
C ARG C 54 -24.01 -13.62 16.56
N THR C 55 -24.95 -13.30 17.46
CA THR C 55 -24.96 -12.02 18.19
C THR C 55 -24.23 -12.11 19.53
N PHE C 56 -23.34 -13.08 19.67
CA PHE C 56 -22.54 -13.20 20.87
C PHE C 56 -21.69 -11.95 21.10
N TYR C 57 -21.53 -11.56 22.36
CA TYR C 57 -20.72 -10.39 22.65
C TYR C 57 -19.29 -10.50 22.10
N GLN C 58 -18.77 -11.73 22.00
CA GLN C 58 -17.46 -11.95 21.38
C GLN C 58 -17.37 -11.56 19.89
N HIS C 59 -18.50 -11.30 19.24
CA HIS C 59 -18.50 -10.96 17.82
C HIS C 59 -18.70 -9.44 17.57
N ILE C 60 -18.66 -8.65 18.65
CA ILE C 60 -19.20 -7.30 18.60
C ILE C 60 -18.27 -6.23 19.18
N LEU C 61 -18.12 -5.16 18.40
CA LEU C 61 -17.52 -3.92 18.89
C LEU C 61 -18.62 -2.89 19.15
N VAL C 62 -18.49 -2.17 20.26
CA VAL C 62 -19.45 -1.13 20.57
C VAL C 62 -18.78 0.25 20.56
N TYR C 63 -19.56 1.25 20.19
CA TYR C 63 -19.15 2.62 20.33
C TYR C 63 -19.84 3.11 21.62
N GLU C 64 -19.03 3.38 22.65
CA GLU C 64 -19.56 3.85 23.94
C GLU C 64 -19.34 5.35 24.07
N VAL C 65 -20.39 6.07 24.44
CA VAL C 65 -20.26 7.49 24.75
C VAL C 65 -21.11 7.85 25.98
N GLU C 66 -20.50 8.59 26.92
CA GLU C 66 -21.16 8.92 28.20
C GLU C 66 -21.56 7.63 28.96
N ASN C 67 -20.64 6.68 29.01
CA ASN C 67 -20.86 5.41 29.70
C ASN C 67 -22.05 4.64 29.15
N LYS C 68 -22.32 4.77 27.86
CA LYS C 68 -23.52 4.21 27.25
C LYS C 68 -23.25 3.71 25.83
N VAL C 69 -23.88 2.61 25.42
CA VAL C 69 -23.68 2.10 24.08
C VAL C 69 -24.49 2.97 23.12
N ALA C 70 -23.82 3.57 22.14
CA ALA C 70 -24.48 4.37 21.09
C ALA C 70 -24.78 3.55 19.85
N GLY C 71 -23.98 2.51 19.63
CA GLY C 71 -24.14 1.66 18.43
C GLY C 71 -23.23 0.45 18.53
N CYS C 72 -23.42 -0.52 17.63
CA CYS C 72 -22.54 -1.67 17.56
C CYS C 72 -22.31 -2.19 16.13
N ILE C 73 -21.26 -2.99 16.01
CA ILE C 73 -20.91 -3.70 14.77
C ILE C 73 -20.68 -5.19 15.08
N ILE C 74 -21.40 -6.05 14.38
CA ILE C 74 -21.37 -7.48 14.58
C ILE C 74 -20.67 -8.20 13.41
N SER C 75 -19.59 -8.91 13.70
CA SER C 75 -18.88 -9.64 12.66
C SER C 75 -18.34 -10.96 13.16
N TYR C 76 -18.10 -11.86 12.21
CA TYR C 76 -17.57 -13.18 12.50
C TYR C 76 -17.24 -13.89 11.20
N SER C 77 -16.54 -15.01 11.34
CA SER C 77 -16.08 -15.79 10.19
C SER C 77 -17.26 -16.37 9.43
N GLY C 78 -17.24 -16.26 8.10
CA GLY C 78 -18.29 -16.85 7.27
C GLY C 78 -18.39 -18.36 7.39
N GLU C 79 -17.26 -19.05 7.54
CA GLU C 79 -17.30 -20.51 7.57
C GLU C 79 -18.01 -21.06 8.81
N ASN C 80 -18.05 -20.29 9.89
CA ASN C 80 -18.76 -20.72 11.09
C ASN C 80 -20.17 -20.15 11.22
N GLU C 81 -20.66 -19.45 10.20
CA GLU C 81 -21.96 -18.78 10.27
C GLU C 81 -23.11 -19.69 10.72
N LEU C 82 -23.25 -20.85 10.08
CA LEU C 82 -24.38 -21.72 10.35
C LEU C 82 -24.25 -22.41 11.70
N LYS C 83 -23.02 -22.64 12.12
CA LYS C 83 -22.75 -23.10 13.46
C LYS C 83 -23.27 -22.09 14.47
N TYR C 84 -23.04 -20.80 14.22
CA TYR C 84 -23.45 -19.77 15.18
C TYR C 84 -24.95 -19.70 15.24
N GLU C 85 -25.57 -19.75 14.07
CA GLU C 85 -27.00 -19.67 13.96
C GLU C 85 -27.68 -20.85 14.70
N LYS C 86 -27.10 -22.03 14.58
CA LYS C 86 -27.68 -23.20 15.24
C LYS C 86 -27.63 -23.10 16.77
N ALA C 87 -26.72 -22.30 17.30
CA ALA C 87 -26.58 -22.18 18.75
C ALA C 87 -27.81 -21.54 19.40
N TRP C 88 -28.68 -20.96 18.58
CA TRP C 88 -29.97 -20.49 19.03
C TRP C 88 -30.73 -21.63 19.69
N GLU C 89 -30.51 -22.86 19.21
CA GLU C 89 -31.20 -24.05 19.70
C GLU C 89 -30.79 -24.39 21.12
N LEU C 90 -29.65 -23.86 21.57
CA LEU C 90 -29.15 -24.10 22.94
C LEU C 90 -29.65 -23.04 23.94
N LEU C 91 -30.54 -22.16 23.53
CA LEU C 91 -31.03 -21.12 24.44
C LEU C 91 -32.22 -21.65 25.17
N ASP C 92 -32.43 -21.17 26.38
CA ASP C 92 -33.60 -21.56 27.15
C ASP C 92 -34.76 -20.61 26.86
N LEU C 93 -35.64 -21.02 25.96
CA LEU C 93 -36.73 -20.15 25.51
C LEU C 93 -38.11 -20.78 25.67
N PRO C 94 -39.14 -19.94 25.90
CA PRO C 94 -40.52 -20.44 25.91
C PRO C 94 -40.92 -21.00 24.54
N GLU C 95 -41.82 -21.99 24.56
CA GLU C 95 -42.26 -22.69 23.35
C GLU C 95 -42.93 -21.77 22.32
N GLU C 96 -43.56 -20.70 22.82
CA GLU C 96 -44.17 -19.66 21.96
C GLU C 96 -43.16 -19.02 21.00
N ILE C 97 -41.90 -18.87 21.42
CA ILE C 97 -40.86 -18.36 20.51
C ILE C 97 -40.09 -19.49 19.83
N LYS C 98 -39.91 -20.60 20.54
CA LYS C 98 -39.21 -21.76 19.97
C LYS C 98 -39.92 -22.38 18.77
N GLN C 99 -41.24 -22.23 18.68
CA GLN C 99 -42.00 -22.80 17.55
C GLN C 99 -41.60 -22.20 16.18
N TYR C 100 -41.12 -20.96 16.20
CA TYR C 100 -40.70 -20.26 14.97
C TYR C 100 -39.37 -20.74 14.40
N GLY C 101 -38.63 -21.56 15.14
CA GLY C 101 -37.31 -22.03 14.70
C GLY C 101 -36.27 -20.93 14.87
N THR C 102 -35.08 -21.10 14.30
CA THR C 102 -34.05 -20.08 14.52
C THR C 102 -34.36 -18.82 13.68
N PRO C 103 -34.02 -17.64 14.18
CA PRO C 103 -34.42 -16.39 13.51
C PRO C 103 -33.79 -16.12 12.15
N LEU C 104 -32.60 -16.66 11.90
CA LEU C 104 -31.85 -16.37 10.66
C LEU C 104 -31.25 -17.65 10.05
N PRO C 105 -32.10 -18.56 9.59
CA PRO C 105 -31.57 -19.85 9.10
C PRO C 105 -30.75 -19.76 7.81
N VAL C 106 -30.99 -18.71 7.01
CA VAL C 106 -30.41 -18.60 5.69
C VAL C 106 -28.97 -18.16 5.80
N LYS C 107 -28.13 -18.84 5.02
CA LYS C 107 -26.71 -18.53 4.95
C LYS C 107 -26.44 -17.22 4.19
N GLU C 108 -26.01 -16.21 4.93
CA GLU C 108 -25.90 -14.85 4.37
C GLU C 108 -24.54 -14.56 3.76
N ALA C 109 -23.53 -15.30 4.19
CA ALA C 109 -22.16 -15.07 3.81
C ALA C 109 -21.55 -16.26 3.11
N LYS C 110 -20.29 -16.10 2.71
CA LYS C 110 -19.54 -17.14 2.04
C LYS C 110 -18.42 -17.58 2.94
N ASP C 111 -17.92 -18.80 2.70
CA ASP C 111 -17.00 -19.46 3.63
C ASP C 111 -15.62 -18.86 3.70
N ASP C 112 -15.20 -18.12 2.67
CA ASP C 112 -13.86 -17.53 2.66
C ASP C 112 -13.91 -16.06 3.09
N GLU C 113 -14.99 -15.66 3.74
CA GLU C 113 -15.25 -14.26 4.08
C GLU C 113 -15.26 -14.10 5.58
N TYR C 114 -14.87 -12.92 6.03
CA TYR C 114 -15.18 -12.47 7.39
C TYR C 114 -16.36 -11.50 7.24
N TYR C 115 -17.51 -11.92 7.75
CA TYR C 115 -18.81 -11.32 7.46
C TYR C 115 -19.17 -10.29 8.48
N ILE C 116 -19.55 -9.10 8.01
CA ILE C 116 -20.09 -8.05 8.86
C ILE C 116 -21.62 -8.09 8.82
N GLU C 117 -22.23 -8.69 9.85
CA GLU C 117 -23.66 -8.97 9.81
C GLU C 117 -24.50 -7.72 9.97
N THR C 118 -24.11 -6.90 10.93
CA THR C 118 -24.91 -5.78 11.37
C THR C 118 -24.04 -4.59 11.74
N ILE C 119 -24.46 -3.42 11.27
CA ILE C 119 -23.95 -2.14 11.80
C ILE C 119 -25.15 -1.32 12.26
N ALA C 120 -25.23 -1.02 13.55
CA ALA C 120 -26.45 -0.44 14.09
C ALA C 120 -26.20 0.65 15.13
N THR C 121 -27.07 1.65 15.12
CA THR C 121 -26.90 2.82 15.94
C THR C 121 -28.27 3.23 16.44
N PHE C 122 -28.32 3.75 17.67
CA PHE C 122 -29.57 4.31 18.20
C PHE C 122 -29.92 5.64 17.50
N ALA C 123 -31.20 6.03 17.57
CA ALA C 123 -31.71 7.22 16.86
C ALA C 123 -30.93 8.49 17.24
N ALA C 124 -30.63 8.64 18.51
CA ALA C 124 -29.85 9.77 18.99
C ALA C 124 -28.49 9.94 18.29
N TYR C 125 -27.98 8.89 17.66
CA TYR C 125 -26.63 8.90 17.13
C TYR C 125 -26.57 8.65 15.61
N ARG C 126 -27.70 8.85 14.91
CA ARG C 126 -27.74 8.74 13.44
C ARG C 126 -27.28 10.01 12.75
N GLY C 127 -26.69 9.83 11.55
CA GLY C 127 -26.07 10.94 10.83
C GLY C 127 -25.02 11.72 11.63
N ARG C 128 -24.40 11.07 12.63
CA ARG C 128 -23.35 11.68 13.45
C ARG C 128 -22.02 10.92 13.36
N GLY C 129 -21.88 10.11 12.31
CA GLY C 129 -20.62 9.41 12.00
C GLY C 129 -20.30 8.14 12.76
N ILE C 130 -21.23 7.61 13.55
CA ILE C 130 -20.93 6.44 14.39
C ILE C 130 -20.79 5.15 13.58
N ALA C 131 -21.75 4.93 12.68
CA ALA C 131 -21.74 3.74 11.85
C ALA C 131 -20.46 3.67 11.06
N THR C 132 -20.09 4.79 10.44
CA THR C 132 -18.85 4.87 9.68
C THR C 132 -17.64 4.63 10.58
N LYS C 133 -17.66 5.18 11.78
CA LYS C 133 -16.51 5.00 12.67
C LYS C 133 -16.34 3.55 13.11
N LEU C 134 -17.45 2.89 13.35
CA LEU C 134 -17.43 1.49 13.78
C LEU C 134 -16.83 0.62 12.68
N LEU C 135 -17.27 0.90 11.45
CA LEU C 135 -16.81 0.19 10.28
C LEU C 135 -15.33 0.43 10.03
N THR C 136 -14.88 1.67 10.06
CA THR C 136 -13.50 1.96 9.78
C THR C 136 -12.56 1.52 10.88
N SER C 137 -13.05 1.40 12.11
CA SER C 137 -12.27 0.81 13.20
C SER C 137 -12.18 -0.71 13.07
N LEU C 138 -13.28 -1.36 12.67
CA LEU C 138 -13.28 -2.82 12.52
C LEU C 138 -12.31 -3.23 11.41
N LEU C 139 -12.37 -2.47 10.30
CA LEU C 139 -11.47 -2.69 9.17
C LEU C 139 -10.01 -2.48 9.54
N GLU C 140 -9.73 -1.51 10.41
CA GLU C 140 -8.37 -1.32 10.92
C GLU C 140 -7.94 -2.53 11.74
N SER C 141 -8.87 -3.16 12.44
CA SER C 141 -8.55 -4.26 13.35
C SER C 141 -7.92 -5.48 12.63
N ASN C 142 -8.17 -5.66 11.34
CA ASN C 142 -7.55 -6.76 10.59
C ASN C 142 -7.64 -6.50 9.11
N THR C 143 -6.49 -6.36 8.45
CA THR C 143 -6.48 -6.11 7.01
C THR C 143 -6.08 -7.38 6.22
N HIS C 144 -5.91 -8.51 6.94
CA HIS C 144 -5.54 -9.79 6.33
C HIS C 144 -6.75 -10.71 6.12
N VAL C 145 -7.96 -10.18 6.06
CA VAL C 145 -9.14 -10.99 5.76
C VAL C 145 -9.94 -10.33 4.67
N LYS C 146 -10.77 -11.12 3.99
CA LYS C 146 -11.68 -10.61 2.98
C LYS C 146 -12.99 -10.26 3.68
N TRP C 147 -13.33 -8.98 3.73
CA TRP C 147 -14.51 -8.58 4.45
C TRP C 147 -15.70 -8.67 3.50
N SER C 148 -16.86 -9.07 4.03
CA SER C 148 -18.13 -8.96 3.32
C SER C 148 -19.25 -8.33 4.17
N LEU C 149 -20.27 -7.81 3.50
CA LEU C 149 -21.51 -7.41 4.13
C LEU C 149 -22.64 -7.47 3.11
N ASN C 150 -23.88 -7.32 3.61
CA ASN C 150 -25.04 -7.33 2.73
C ASN C 150 -25.82 -6.04 2.94
N CYS C 151 -25.94 -5.27 1.85
CA CYS C 151 -26.59 -3.97 1.87
C CYS C 151 -27.93 -4.06 1.14
N ASP C 152 -28.98 -3.63 1.81
CA ASP C 152 -30.35 -3.54 1.27
C ASP C 152 -30.36 -2.68 0.00
N ILE C 153 -30.95 -3.19 -1.08
CA ILE C 153 -30.86 -2.52 -2.39
C ILE C 153 -31.52 -1.15 -2.42
N ASN C 154 -32.43 -0.88 -1.50
CA ASN C 154 -33.05 0.44 -1.45
C ASN C 154 -32.32 1.43 -0.54
N ASN C 155 -31.28 0.98 0.17
CA ASN C 155 -30.50 1.88 1.01
C ASN C 155 -29.27 2.42 0.26
N GLU C 156 -29.53 3.31 -0.68
CA GLU C 156 -28.47 3.91 -1.49
C GLU C 156 -27.42 4.65 -0.68
N ALA C 157 -27.82 5.41 0.33
CA ALA C 157 -26.88 6.21 1.11
C ALA C 157 -25.80 5.30 1.73
N ALA C 158 -26.24 4.18 2.29
CA ALA C 158 -25.33 3.20 2.88
C ALA C 158 -24.41 2.59 1.80
N LEU C 159 -25.02 2.20 0.68
CA LEU C 159 -24.29 1.58 -0.41
C LEU C 159 -23.15 2.47 -0.90
N LYS C 160 -23.47 3.74 -1.14
CA LYS C 160 -22.47 4.71 -1.61
C LYS C 160 -21.33 4.84 -0.61
N LEU C 161 -21.68 4.86 0.67
CA LEU C 161 -20.69 4.93 1.75
C LEU C 161 -19.80 3.70 1.74
N TYR C 162 -20.40 2.51 1.70
CA TYR C 162 -19.58 1.30 1.72
C TYR C 162 -18.66 1.20 0.48
N LYS C 163 -19.15 1.64 -0.67
CA LYS C 163 -18.33 1.67 -1.89
C LYS C 163 -17.12 2.59 -1.73
N LYS C 164 -17.31 3.73 -1.10
CA LYS C 164 -16.19 4.66 -0.86
C LYS C 164 -15.12 4.05 0.02
N VAL C 165 -15.52 3.30 1.06
CA VAL C 165 -14.54 2.72 1.98
C VAL C 165 -13.81 1.52 1.34
N GLY C 166 -14.31 1.05 0.19
CA GLY C 166 -13.64 0.01 -0.60
C GLY C 166 -14.45 -1.24 -0.92
N PHE C 167 -15.72 -1.27 -0.55
CA PHE C 167 -16.56 -2.43 -0.83
C PHE C 167 -16.97 -2.45 -2.31
N ILE C 168 -16.75 -3.58 -2.99
CA ILE C 168 -17.20 -3.73 -4.38
C ILE C 168 -18.31 -4.79 -4.53
N SER C 169 -19.11 -4.64 -5.60
CA SER C 169 -20.27 -5.48 -5.86
C SER C 169 -19.85 -6.90 -6.15
N ASP C 170 -20.55 -7.85 -5.52
CA ASP C 170 -20.28 -9.29 -5.65
C ASP C 170 -21.60 -10.07 -5.69
N GLY C 171 -22.49 -9.63 -6.57
CA GLY C 171 -23.77 -10.28 -6.77
C GLY C 171 -24.80 -9.77 -5.78
N GLN C 172 -26.02 -10.29 -5.91
CA GLN C 172 -27.11 -10.00 -4.96
C GLN C 172 -27.56 -11.29 -4.26
N ILE C 173 -28.17 -11.14 -3.11
CA ILE C 173 -28.75 -12.27 -2.39
C ILE C 173 -30.14 -11.85 -1.93
N GLU C 174 -31.10 -12.78 -1.97
CA GLU C 174 -32.43 -12.56 -1.40
C GLU C 174 -32.50 -13.14 0.01
N LEU C 175 -33.01 -12.35 0.94
CA LEU C 175 -33.14 -12.77 2.33
C LEU C 175 -34.44 -12.25 2.90
N TYR C 176 -35.31 -13.19 3.31
CA TYR C 176 -36.62 -12.89 3.92
C TYR C 176 -37.45 -11.90 3.09
N LYS C 177 -37.59 -12.23 1.80
CA LYS C 177 -38.41 -11.44 0.85
C LYS C 177 -37.87 -10.02 0.55
N HIS C 178 -36.58 -9.80 0.83
CA HIS C 178 -35.89 -8.56 0.48
C HIS C 178 -34.56 -8.84 -0.22
N MET C 179 -34.18 -7.93 -1.10
CA MET C 179 -32.97 -8.05 -1.89
C MET C 179 -31.82 -7.25 -1.27
N TYR C 180 -30.63 -7.83 -1.30
CA TYR C 180 -29.42 -7.17 -0.82
C TYR C 180 -28.29 -7.28 -1.84
N HIS C 181 -27.47 -6.23 -1.93
CA HIS C 181 -26.18 -6.33 -2.59
C HIS C 181 -25.25 -7.05 -1.66
N HIS C 182 -24.54 -8.05 -2.18
CA HIS C 182 -23.47 -8.70 -1.45
C HIS C 182 -22.16 -8.01 -1.86
N LEU C 183 -21.47 -7.44 -0.87
CA LEU C 183 -20.29 -6.59 -1.09
C LEU C 183 -19.10 -7.15 -0.37
N ILE C 184 -17.91 -6.96 -0.93
CA ILE C 184 -16.68 -7.48 -0.35
C ILE C 184 -15.53 -6.49 -0.48
N VAL C 185 -14.52 -6.61 0.37
CA VAL C 185 -13.27 -5.87 0.15
C VAL C 185 -12.06 -6.81 -0.04
N ALA D 3 25.52 4.04 21.28
CA ALA D 3 25.17 3.26 20.05
C ALA D 3 26.32 2.36 19.65
N MET D 4 26.05 1.09 19.39
CA MET D 4 27.11 0.16 19.01
C MET D 4 26.64 -1.12 18.32
N ILE D 5 27.52 -1.67 17.51
CA ILE D 5 27.25 -2.89 16.78
C ILE D 5 27.83 -4.04 17.59
N ARG D 6 27.05 -5.09 17.79
CA ARG D 6 27.50 -6.23 18.55
C ARG D 6 26.80 -7.51 18.12
N GLN D 7 27.42 -8.62 18.45
CA GLN D 7 26.81 -9.93 18.27
C GLN D 7 25.47 -10.01 19.01
N ALA D 8 24.51 -10.65 18.34
CA ALA D 8 23.23 -10.92 18.95
C ALA D 8 23.37 -11.88 20.14
N ARG D 9 22.49 -11.74 21.12
CA ARG D 9 22.38 -12.69 22.25
C ARG D 9 20.97 -13.25 22.25
N PRO D 10 20.73 -14.32 23.03
CA PRO D 10 19.39 -14.90 23.03
C PRO D 10 18.30 -13.92 23.43
N GLU D 11 18.60 -12.98 24.32
CA GLU D 11 17.56 -12.03 24.76
C GLU D 11 17.14 -11.00 23.69
N ASP D 12 17.87 -10.95 22.57
CA ASP D 12 17.53 -10.12 21.42
C ASP D 12 16.48 -10.74 20.52
N ARG D 13 16.13 -12.00 20.75
CA ARG D 13 15.25 -12.72 19.83
C ARG D 13 13.86 -12.10 19.67
N PHE D 14 13.39 -11.31 20.64
CA PHE D 14 12.06 -10.74 20.55
C PHE D 14 12.02 -9.61 19.51
N ASP D 15 13.00 -8.72 19.58
CA ASP D 15 13.10 -7.65 18.58
C ASP D 15 13.57 -8.16 17.22
N ILE D 16 14.47 -9.14 17.23
CA ILE D 16 14.88 -9.76 15.97
C ILE D 16 13.67 -10.41 15.27
N ALA D 17 12.86 -11.15 16.04
CA ALA D 17 11.68 -11.77 15.45
C ALA D 17 10.75 -10.74 14.77
N LYS D 18 10.53 -9.61 15.42
CA LYS D 18 9.72 -8.54 14.83
C LYS D 18 10.31 -8.07 13.50
N LEU D 19 11.60 -7.74 13.50
CA LEU D 19 12.30 -7.30 12.28
C LEU D 19 12.14 -8.34 11.18
N VAL D 20 12.36 -9.60 11.51
CA VAL D 20 12.30 -10.66 10.49
C VAL D 20 10.87 -10.83 9.97
N TYR D 21 9.90 -10.64 10.86
CA TYR D 21 8.51 -10.81 10.51
C TYR D 21 8.14 -9.82 9.42
N MET D 22 8.48 -8.55 9.62
CA MET D 22 8.22 -7.49 8.63
C MET D 22 8.84 -7.83 7.29
N VAL D 23 10.01 -8.47 7.28
CA VAL D 23 10.63 -8.88 6.03
C VAL D 23 9.83 -10.01 5.37
N TRP D 24 9.42 -11.00 6.16
CA TRP D 24 8.65 -12.12 5.61
C TRP D 24 7.25 -11.66 5.13
N ASP D 25 6.64 -10.74 5.87
CA ASP D 25 5.43 -10.06 5.43
C ASP D 25 5.62 -9.40 4.05
N ASP D 26 6.73 -8.68 3.85
CA ASP D 26 7.04 -8.15 2.52
C ASP D 26 7.25 -9.23 1.46
N MET D 27 7.82 -10.37 1.85
CA MET D 27 8.00 -11.48 0.91
C MET D 27 6.66 -12.17 0.62
N GLU D 28 5.66 -11.90 1.46
CA GLU D 28 4.35 -12.50 1.36
C GLU D 28 4.40 -14.02 1.43
N LEU D 29 5.16 -14.55 2.40
CA LEU D 29 5.19 -15.99 2.68
C LEU D 29 3.83 -16.48 3.18
N GLU D 30 3.43 -17.68 2.75
CA GLU D 30 2.07 -18.19 3.02
C GLU D 30 1.69 -18.17 4.48
N LEU D 31 2.56 -18.71 5.31
CA LEU D 31 2.26 -18.83 6.74
C LEU D 31 2.16 -17.46 7.39
N VAL D 32 2.87 -16.49 6.83
CA VAL D 32 2.82 -15.13 7.32
C VAL D 32 1.49 -14.46 7.01
N LYS D 33 0.97 -14.68 5.81
CA LYS D 33 -0.31 -14.07 5.43
C LYS D 33 -1.52 -14.75 6.06
N HIS D 34 -1.36 -16.01 6.46
CA HIS D 34 -2.49 -16.87 6.84
C HIS D 34 -2.61 -17.19 8.32
N LEU D 35 -1.56 -16.94 9.11
CA LEU D 35 -1.60 -17.31 10.52
C LEU D 35 -1.54 -16.09 11.40
N PRO D 36 -2.00 -16.22 12.67
CA PRO D 36 -1.88 -15.11 13.61
C PRO D 36 -0.44 -14.64 13.78
N LYS D 37 -0.26 -13.33 13.87
CA LYS D 37 1.04 -12.71 14.00
C LYS D 37 1.84 -13.30 15.15
N ASP D 38 1.21 -13.42 16.31
CA ASP D 38 1.91 -13.88 17.52
C ASP D 38 2.40 -15.31 17.43
N MET D 39 1.73 -16.13 16.63
CA MET D 39 2.15 -17.51 16.44
C MET D 39 3.41 -17.55 15.57
N VAL D 40 3.45 -16.71 14.56
CA VAL D 40 4.61 -16.62 13.68
C VAL D 40 5.78 -16.07 14.50
N LEU D 41 5.53 -14.99 15.23
CA LEU D 41 6.56 -14.36 16.07
C LEU D 41 7.18 -15.33 17.05
N ASP D 42 6.33 -16.14 17.71
CA ASP D 42 6.80 -17.18 18.63
C ASP D 42 7.68 -18.20 17.90
N ALA D 43 7.33 -18.53 16.67
CA ALA D 43 8.09 -19.48 15.89
C ALA D 43 9.45 -18.91 15.48
N ILE D 44 9.45 -17.64 15.06
CA ILE D 44 10.70 -16.96 14.70
C ILE D 44 11.61 -16.82 15.93
N GLU D 45 11.04 -16.42 17.05
CA GLU D 45 11.78 -16.35 18.31
C GLU D 45 12.50 -17.64 18.64
N LYS D 46 11.79 -18.77 18.57
CA LYS D 46 12.39 -20.06 18.82
C LYS D 46 13.48 -20.39 17.82
N SER D 47 13.24 -20.07 16.56
CA SER D 47 14.25 -20.27 15.52
C SER D 47 15.56 -19.49 15.77
N CYS D 48 15.53 -18.40 16.55
CA CYS D 48 16.77 -17.68 16.87
C CYS D 48 17.67 -18.41 17.85
N VAL D 49 17.10 -19.25 18.73
CA VAL D 49 17.85 -19.78 19.89
C VAL D 49 17.81 -21.29 20.09
N ASP D 50 16.70 -21.93 19.70
CA ASP D 50 16.48 -23.35 20.00
C ASP D 50 17.13 -24.31 19.00
N ALA D 51 17.52 -23.83 17.82
CA ALA D 51 18.28 -24.63 16.86
C ALA D 51 19.02 -23.72 15.88
N THR D 52 19.96 -24.27 15.10
CA THR D 52 20.72 -23.39 14.21
C THR D 52 20.00 -23.19 12.87
N TYR D 53 18.93 -22.40 12.91
CA TYR D 53 18.17 -22.02 11.73
C TYR D 53 18.85 -20.81 11.03
N ARG D 54 18.37 -20.42 9.85
CA ARG D 54 18.86 -19.20 9.18
C ARG D 54 19.00 -18.03 10.14
N THR D 55 18.01 -17.88 11.01
CA THR D 55 17.98 -16.75 11.92
C THR D 55 18.65 -16.99 13.26
N PHE D 56 19.51 -18.00 13.37
CA PHE D 56 20.24 -18.21 14.66
C PHE D 56 20.93 -16.93 15.12
N TYR D 57 20.87 -16.63 16.43
CA TYR D 57 21.53 -15.44 16.94
C TYR D 57 23.04 -15.43 16.60
N GLN D 58 23.62 -16.62 16.44
CA GLN D 58 25.01 -16.75 16.03
C GLN D 58 25.33 -16.10 14.66
N HIS D 59 24.31 -15.92 13.84
CA HIS D 59 24.44 -15.35 12.49
C HIS D 59 24.17 -13.85 12.42
N ILE D 60 23.97 -13.22 13.57
CA ILE D 60 23.39 -11.89 13.61
C ILE D 60 24.23 -10.89 14.38
N LEU D 61 24.36 -9.71 13.78
CA LEU D 61 24.84 -8.55 14.47
C LEU D 61 23.64 -7.60 14.66
N VAL D 62 23.56 -6.97 15.82
CA VAL D 62 22.54 -5.97 16.06
C VAL D 62 23.16 -4.59 16.22
N TYR D 63 22.41 -3.56 15.83
CA TYR D 63 22.80 -2.19 16.10
C TYR D 63 22.04 -1.76 17.36
N GLU D 64 22.75 -1.61 18.48
CA GLU D 64 22.12 -1.29 19.75
C GLU D 64 22.13 0.21 20.00
N VAL D 65 20.95 0.80 20.10
CA VAL D 65 20.80 2.17 20.56
C VAL D 65 20.22 2.16 21.97
N GLU D 66 21.00 2.63 22.92
CA GLU D 66 20.56 2.80 24.31
C GLU D 66 19.84 1.56 24.80
N ASN D 67 20.57 0.46 24.82
CA ASN D 67 20.08 -0.81 25.31
C ASN D 67 18.80 -1.29 24.62
N LYS D 68 18.59 -0.90 23.37
CA LYS D 68 17.48 -1.42 22.56
C LYS D 68 17.94 -1.72 21.14
N VAL D 69 17.47 -2.83 20.60
CA VAL D 69 17.83 -3.22 19.23
C VAL D 69 17.17 -2.27 18.23
N ALA D 70 17.97 -1.41 17.61
CA ALA D 70 17.54 -0.55 16.49
C ALA D 70 17.47 -1.26 15.13
N GLY D 71 18.20 -2.35 15.00
CA GLY D 71 18.23 -3.06 13.72
C GLY D 71 19.14 -4.26 13.77
N CYS D 72 19.12 -5.07 12.72
CA CYS D 72 19.97 -6.24 12.68
C CYS D 72 20.37 -6.65 11.29
N ILE D 73 21.37 -7.52 11.21
CA ILE D 73 21.84 -8.02 9.94
C ILE D 73 22.20 -9.49 10.14
N ILE D 74 21.74 -10.31 9.20
CA ILE D 74 21.74 -11.75 9.35
C ILE D 74 22.51 -12.35 8.19
N SER D 75 23.60 -13.01 8.52
CA SER D 75 24.46 -13.54 7.46
C SER D 75 25.10 -14.87 7.83
N TYR D 76 25.39 -15.65 6.79
CA TYR D 76 26.00 -16.98 6.90
C TYR D 76 26.55 -17.39 5.53
N SER D 77 27.35 -18.46 5.49
CA SER D 77 27.98 -18.96 4.26
C SER D 77 26.96 -19.63 3.38
N GLY D 78 26.97 -19.29 2.09
CA GLY D 78 25.98 -19.81 1.17
C GLY D 78 25.87 -21.32 1.19
N GLU D 79 27.02 -22.00 1.22
CA GLU D 79 27.03 -23.46 1.11
C GLU D 79 26.28 -24.18 2.24
N ASN D 80 26.04 -23.50 3.36
CA ASN D 80 25.26 -24.08 4.46
C ASN D 80 23.79 -23.69 4.53
N GLU D 81 23.35 -22.82 3.61
CA GLU D 81 21.98 -22.29 3.61
C GLU D 81 20.89 -23.34 3.89
N LEU D 82 20.86 -24.40 3.07
CA LEU D 82 19.83 -25.42 3.16
C LEU D 82 19.91 -26.30 4.42
N LYS D 83 21.11 -26.52 4.96
CA LYS D 83 21.26 -27.11 6.30
C LYS D 83 20.57 -26.26 7.36
N TYR D 84 20.82 -24.95 7.32
CA TYR D 84 20.19 -24.04 8.28
C TYR D 84 18.67 -24.05 8.08
N GLU D 85 18.21 -24.04 6.83
CA GLU D 85 16.77 -24.04 6.60
C GLU D 85 16.07 -25.25 7.24
N LYS D 86 16.74 -26.39 7.17
CA LYS D 86 16.20 -27.64 7.70
C LYS D 86 16.01 -27.66 9.23
N ALA D 87 16.83 -26.87 9.94
CA ALA D 87 16.78 -26.80 11.40
C ALA D 87 15.43 -26.35 11.92
N TRP D 88 14.59 -25.80 11.04
CA TRP D 88 13.25 -25.35 11.39
C TRP D 88 12.42 -26.51 11.96
N GLU D 89 12.69 -27.69 11.45
CA GLU D 89 12.02 -28.88 11.90
C GLU D 89 12.36 -29.26 13.34
N LEU D 90 13.41 -28.67 13.90
CA LEU D 90 13.82 -29.00 15.27
C LEU D 90 13.21 -28.06 16.28
N LEU D 91 12.29 -27.22 15.84
CA LEU D 91 11.65 -26.28 16.75
C LEU D 91 10.40 -26.91 17.35
N ASP D 92 9.91 -26.33 18.43
CA ASP D 92 8.73 -26.86 19.11
C ASP D 92 7.51 -26.02 18.71
N LEU D 93 6.86 -26.41 17.63
CA LEU D 93 5.84 -25.60 17.03
C LEU D 93 4.49 -26.33 16.98
N PRO D 94 3.41 -25.59 17.28
CA PRO D 94 2.06 -26.17 17.15
C PRO D 94 1.73 -26.65 15.73
N GLU D 95 0.84 -27.63 15.62
CA GLU D 95 0.56 -28.29 14.33
C GLU D 95 0.02 -27.31 13.27
N GLU D 96 -0.66 -26.25 13.71
CA GLU D 96 -1.19 -25.24 12.79
C GLU D 96 -0.10 -24.61 11.91
N ILE D 97 1.13 -24.58 12.40
CA ILE D 97 2.24 -23.97 11.65
C ILE D 97 3.19 -25.00 11.06
N LYS D 98 3.38 -26.13 11.76
CA LYS D 98 4.13 -27.26 11.20
C LYS D 98 3.52 -27.78 9.90
N GLN D 99 2.21 -27.56 9.70
CA GLN D 99 1.54 -28.00 8.47
C GLN D 99 2.05 -27.21 7.26
N TYR D 100 2.52 -25.98 7.50
CA TYR D 100 3.07 -25.16 6.41
C TYR D 100 4.49 -25.53 5.96
N GLY D 101 5.13 -26.50 6.62
CA GLY D 101 6.50 -26.89 6.26
C GLY D 101 7.48 -25.77 6.58
N THR D 102 8.74 -25.95 6.19
CA THR D 102 9.75 -24.92 6.47
C THR D 102 9.44 -23.65 5.65
N PRO D 103 9.60 -22.48 6.27
CA PRO D 103 9.15 -21.22 5.69
C PRO D 103 9.98 -20.71 4.50
N LEU D 104 11.21 -21.18 4.33
CA LEU D 104 12.07 -20.72 3.20
C LEU D 104 12.81 -21.85 2.53
N PRO D 105 12.07 -22.77 1.88
CA PRO D 105 12.68 -23.95 1.25
C PRO D 105 13.68 -23.64 0.14
N VAL D 106 13.40 -22.60 -0.64
CA VAL D 106 14.20 -22.32 -1.82
C VAL D 106 15.58 -21.78 -1.44
N LYS D 107 16.56 -22.13 -2.26
CA LYS D 107 17.93 -21.71 -2.07
C LYS D 107 18.12 -20.32 -2.67
N GLU D 108 18.39 -19.36 -1.80
CA GLU D 108 18.45 -17.95 -2.18
C GLU D 108 19.84 -17.45 -2.54
N ALA D 109 20.87 -18.18 -2.12
CA ALA D 109 22.27 -17.80 -2.34
C ALA D 109 23.02 -18.84 -3.16
N LYS D 110 24.30 -18.57 -3.40
CA LYS D 110 25.23 -19.49 -4.07
C LYS D 110 26.29 -19.99 -3.08
N ASP D 111 26.93 -21.11 -3.43
CA ASP D 111 27.84 -21.77 -2.50
C ASP D 111 29.14 -21.01 -2.29
N ASP D 112 29.55 -20.20 -3.26
CA ASP D 112 30.77 -19.40 -3.13
C ASP D 112 30.51 -18.02 -2.50
N GLU D 113 29.36 -17.83 -1.88
CA GLU D 113 29.02 -16.54 -1.30
C GLU D 113 28.93 -16.61 0.21
N TYR D 114 29.33 -15.52 0.88
CA TYR D 114 28.87 -15.26 2.26
C TYR D 114 27.58 -14.46 2.17
N TYR D 115 26.47 -15.13 2.48
CA TYR D 115 25.15 -14.57 2.21
C TYR D 115 24.66 -13.71 3.35
N ILE D 116 24.15 -12.53 3.01
CA ILE D 116 23.52 -11.61 3.95
C ILE D 116 22.03 -11.78 3.66
N GLU D 117 21.33 -12.54 4.50
CA GLU D 117 19.95 -12.88 4.21
C GLU D 117 19.04 -11.72 4.54
N THR D 118 19.34 -11.03 5.62
CA THR D 118 18.46 -10.02 6.10
C THR D 118 19.26 -8.81 6.59
N ILE D 119 18.77 -7.64 6.22
CA ILE D 119 19.26 -6.40 6.72
C ILE D 119 18.01 -5.57 6.97
N ALA D 120 17.72 -5.31 8.25
CA ALA D 120 16.47 -4.72 8.63
C ALA D 120 16.67 -3.76 9.80
N THR D 121 15.89 -2.68 9.76
CA THR D 121 15.93 -1.57 10.71
C THR D 121 14.52 -1.20 11.09
N PHE D 122 14.28 -0.92 12.37
CA PHE D 122 12.97 -0.43 12.82
C PHE D 122 12.72 0.97 12.29
N ALA D 123 11.49 1.26 11.87
CA ALA D 123 11.11 2.57 11.33
C ALA D 123 11.49 3.74 12.24
N ALA D 124 11.36 3.54 13.55
CA ALA D 124 11.70 4.54 14.57
C ALA D 124 13.15 5.01 14.54
N TYR D 125 14.03 4.27 13.87
CA TYR D 125 15.44 4.56 13.92
C TYR D 125 16.00 4.91 12.54
N ARG D 126 15.14 5.23 11.58
CA ARG D 126 15.62 5.54 10.23
C ARG D 126 16.24 6.95 10.10
N GLY D 127 17.04 7.16 9.06
CA GLY D 127 17.80 8.42 8.86
C GLY D 127 19.12 8.52 9.62
N ARG D 128 19.51 7.42 10.26
CA ARG D 128 20.74 7.39 11.07
C ARG D 128 21.82 6.50 10.48
N GLY D 129 21.59 6.03 9.26
CA GLY D 129 22.59 5.24 8.54
C GLY D 129 22.86 3.87 9.15
N ILE D 130 21.86 3.28 9.79
CA ILE D 130 22.04 2.05 10.57
C ILE D 130 22.19 0.83 9.67
N ALA D 131 21.36 0.71 8.64
CA ALA D 131 21.53 -0.35 7.66
C ALA D 131 22.91 -0.29 7.01
N THR D 132 23.31 0.91 6.62
CA THR D 132 24.61 1.13 6.01
C THR D 132 25.73 0.74 6.99
N LYS D 133 25.63 1.20 8.23
CA LYS D 133 26.62 0.84 9.23
C LYS D 133 26.71 -0.66 9.49
N LEU D 134 25.57 -1.35 9.56
CA LEU D 134 25.55 -2.81 9.78
C LEU D 134 26.21 -3.53 8.59
N LEU D 135 25.83 -3.12 7.40
CA LEU D 135 26.39 -3.71 6.20
C LEU D 135 27.89 -3.52 6.16
N THR D 136 28.32 -2.29 6.42
CA THR D 136 29.71 -1.98 6.38
C THR D 136 30.50 -2.76 7.44
N SER D 137 29.93 -3.01 8.61
CA SER D 137 30.64 -3.78 9.64
C SER D 137 30.94 -5.21 9.19
N LEU D 138 30.07 -5.78 8.35
CA LEU D 138 30.33 -7.10 7.77
C LEU D 138 31.39 -6.99 6.71
N LEU D 139 31.10 -6.19 5.68
CA LEU D 139 32.00 -6.04 4.55
C LEU D 139 33.42 -5.74 4.98
N GLU D 140 33.58 -4.87 5.97
CA GLU D 140 34.93 -4.49 6.39
C GLU D 140 35.63 -5.57 7.20
N SER D 141 34.87 -6.52 7.74
CA SER D 141 35.46 -7.59 8.56
C SER D 141 36.15 -8.63 7.69
N ASN D 142 35.81 -8.67 6.41
CA ASN D 142 36.45 -9.60 5.50
C ASN D 142 36.37 -9.12 4.06
N THR D 143 37.47 -8.55 3.61
CA THR D 143 37.55 -8.01 2.30
C THR D 143 38.01 -9.08 1.30
N HIS D 144 38.01 -10.34 1.70
CA HIS D 144 38.50 -11.43 0.84
C HIS D 144 37.45 -12.48 0.47
N VAL D 145 36.20 -12.26 0.85
CA VAL D 145 35.10 -13.14 0.46
C VAL D 145 34.08 -12.41 -0.39
N LYS D 146 33.24 -13.19 -1.05
CA LYS D 146 32.17 -12.67 -1.88
C LYS D 146 30.91 -12.53 -1.05
N TRP D 147 30.56 -11.31 -0.69
CA TRP D 147 29.34 -11.03 0.06
C TRP D 147 28.19 -10.86 -0.93
N SER D 148 27.05 -11.46 -0.65
CA SER D 148 25.89 -11.37 -1.54
C SER D 148 24.63 -10.97 -0.78
N LEU D 149 23.66 -10.42 -1.50
CA LEU D 149 22.33 -10.17 -0.94
C LEU D 149 21.29 -10.06 -2.04
N ASN D 150 20.02 -10.21 -1.67
CA ASN D 150 18.89 -10.08 -2.61
C ASN D 150 17.99 -8.92 -2.25
N CYS D 151 17.52 -8.20 -3.28
CA CYS D 151 16.74 -6.99 -3.13
C CYS D 151 15.52 -7.10 -4.03
N ASP D 152 14.34 -7.01 -3.45
CA ASP D 152 13.08 -7.04 -4.22
C ASP D 152 13.10 -5.97 -5.31
N ILE D 153 12.76 -6.38 -6.53
CA ILE D 153 12.78 -5.42 -7.64
C ILE D 153 11.82 -4.27 -7.43
N ASN D 154 10.87 -4.40 -6.50
CA ASN D 154 9.90 -3.33 -6.19
C ASN D 154 10.36 -2.33 -5.14
N ASN D 155 11.57 -2.50 -4.63
CA ASN D 155 12.12 -1.61 -3.63
C ASN D 155 13.38 -0.92 -4.15
N GLU D 156 13.18 0.17 -4.91
CA GLU D 156 14.32 0.89 -5.51
C GLU D 156 15.10 1.70 -4.50
N ALA D 157 14.47 2.08 -3.40
CA ALA D 157 15.13 2.81 -2.33
C ALA D 157 16.21 1.95 -1.69
N ALA D 158 15.89 0.70 -1.42
CA ALA D 158 16.83 -0.28 -0.88
C ALA D 158 17.97 -0.59 -1.86
N LEU D 159 17.62 -0.74 -3.14
CA LEU D 159 18.60 -1.02 -4.15
C LEU D 159 19.67 0.08 -4.20
N LYS D 160 19.20 1.32 -4.18
CA LYS D 160 20.09 2.47 -4.15
C LYS D 160 21.02 2.48 -2.92
N LEU D 161 20.45 2.14 -1.78
CA LEU D 161 21.17 2.06 -0.51
C LEU D 161 22.30 1.02 -0.61
N TYR D 162 21.97 -0.21 -1.00
CA TYR D 162 22.98 -1.25 -1.17
C TYR D 162 24.06 -0.86 -2.19
N LYS D 163 23.69 -0.11 -3.22
CA LYS D 163 24.69 0.31 -4.18
C LYS D 163 25.60 1.41 -3.65
N LYS D 164 25.12 2.23 -2.72
CA LYS D 164 25.97 3.20 -2.04
C LYS D 164 27.11 2.53 -1.29
N VAL D 165 26.82 1.35 -0.75
CA VAL D 165 27.76 0.53 0.00
C VAL D 165 28.70 -0.26 -0.91
N GLY D 166 28.48 -0.23 -2.22
CA GLY D 166 29.36 -0.90 -3.18
C GLY D 166 28.86 -2.22 -3.73
N PHE D 167 27.62 -2.59 -3.43
CA PHE D 167 27.06 -3.81 -4.01
C PHE D 167 26.85 -3.58 -5.51
N ILE D 168 27.21 -4.60 -6.30
CA ILE D 168 27.04 -4.57 -7.76
C ILE D 168 25.98 -5.60 -8.18
N SER D 169 25.26 -5.33 -9.28
CA SER D 169 24.24 -6.28 -9.77
C SER D 169 24.84 -7.57 -10.35
N ASP D 170 24.26 -8.73 -9.99
CA ASP D 170 24.70 -10.05 -10.46
C ASP D 170 23.49 -10.98 -10.70
N GLY D 171 22.62 -10.58 -11.60
CA GLY D 171 21.48 -11.39 -12.01
C GLY D 171 20.28 -11.24 -11.11
N GLN D 172 19.44 -12.27 -11.09
CA GLN D 172 18.15 -12.17 -10.43
C GLN D 172 17.60 -13.52 -10.04
N ILE D 173 16.73 -13.53 -9.04
CA ILE D 173 16.17 -14.79 -8.57
C ILE D 173 14.72 -14.57 -8.18
N GLU D 174 13.85 -15.50 -8.58
CA GLU D 174 12.43 -15.44 -8.21
C GLU D 174 12.24 -16.26 -6.96
N LEU D 175 11.60 -15.67 -5.95
CA LEU D 175 11.32 -16.35 -4.70
C LEU D 175 9.89 -16.08 -4.28
N TYR D 176 9.05 -17.12 -4.28
CA TYR D 176 7.65 -17.01 -3.80
C TYR D 176 6.90 -15.86 -4.49
N LYS D 177 6.95 -15.87 -5.82
CA LYS D 177 6.18 -14.92 -6.65
C LYS D 177 6.71 -13.48 -6.62
N HIS D 178 7.89 -13.28 -6.05
CA HIS D 178 8.56 -11.97 -6.09
C HIS D 178 9.84 -12.16 -6.85
N MET D 179 10.27 -11.11 -7.56
CA MET D 179 11.56 -11.16 -8.23
C MET D 179 12.55 -10.30 -7.42
N TYR D 180 13.79 -10.78 -7.33
CA TYR D 180 14.81 -10.16 -6.50
C TYR D 180 16.04 -9.97 -7.34
N HIS D 181 16.60 -8.76 -7.30
CA HIS D 181 17.96 -8.50 -7.80
C HIS D 181 18.95 -9.23 -6.87
N HIS D 182 19.85 -10.02 -7.46
CA HIS D 182 20.97 -10.60 -6.73
C HIS D 182 22.14 -9.62 -6.85
N LEU D 183 22.67 -9.19 -5.70
CA LEU D 183 23.81 -8.26 -5.63
C LEU D 183 25.00 -8.90 -4.90
N ILE D 184 26.21 -8.55 -5.33
CA ILE D 184 27.44 -9.10 -4.76
C ILE D 184 28.44 -7.99 -4.53
N VAL D 185 29.45 -8.29 -3.73
CA VAL D 185 30.61 -7.44 -3.60
C VAL D 185 31.83 -8.27 -3.97
#